data_6NC7
#
_entry.id   6NC7
#
_cell.length_a   129.692
_cell.length_b   105.514
_cell.length_c   111.479
_cell.angle_alpha   90.00
_cell.angle_beta   125.29
_cell.angle_gamma   90.00
#
_symmetry.space_group_name_H-M   'C 1 2 1'
#
loop_
_entity.id
_entity.type
_entity.pdbx_description
1 polymer 'Lipid II flippase MurJ'
2 non-polymer '(2R)-2,3-dihydroxypropyl (9Z)-octadec-9-enoate'
3 non-polymer 'SULFATE ION'
#
_entity_poly.entity_id   1
_entity_poly.type   'polypeptide(L)'
_entity_poly.pdbx_seq_one_letter_code
;MSILFSSILFSIATFFSRILGLFRDVLFAKYFGVSYELDAYFIAIMFPFFLRKVFGEGAMSSAFVPLYSEKSGEEKDKFL
SSVINGFSLIILALVILSYFFPELIINLFGAGSSHETKILAKKLLLITSPSIYFIFLWAISYSILNTNNKFFWPALTPSI
SNITIIIGTFLSTKYGIISPTIGFLIGSILMFFSIIKSIIKHKYYFTIKHFPHFLKLFFPTFMTMVVSQINTVVDMNVVS
FYDKGSISYLQYASRFYLLPYGLFAVSVSTVVLSKISNDRKNFNYHLNDALKTTLFFTIPSMVGLIFLSTPIIRFFYEHG
AFTSKDTLITSKILIAYTLGLPFYGIYSTISRSYHAIKNTKTPFIAATIVSLSNIILDIIFGLKYGPIGVALATSIAGII
GVLYLLFSVKTFPIKDFLKISLNSLIMLFVIYLTDFTDNEFWFLIQILIGILVYLIFSSIFYRDLIRRFLYARKK
;
_entity_poly.pdbx_strand_id   A,B
#
loop_
_chem_comp.id
_chem_comp.type
_chem_comp.name
_chem_comp.formula
OLC non-polymer '(2R)-2,3-dihydroxypropyl (9Z)-octadec-9-enoate' 'C21 H40 O4'
SO4 non-polymer 'SULFATE ION' 'O4 S -2'
#
# COMPACT_ATOMS: atom_id res chain seq x y z
N ILE A 3 -22.83 -0.51 -22.68
CA ILE A 3 -22.11 -0.05 -21.49
C ILE A 3 -23.00 -0.20 -20.26
N LEU A 4 -24.20 0.37 -20.34
CA LEU A 4 -25.15 0.29 -19.22
C LEU A 4 -25.62 -1.15 -19.01
N PHE A 5 -26.17 -1.77 -20.06
CA PHE A 5 -26.73 -3.12 -19.94
C PHE A 5 -25.67 -4.14 -19.49
N SER A 6 -24.47 -4.07 -20.08
CA SER A 6 -23.38 -4.93 -19.63
C SER A 6 -23.10 -4.73 -18.16
N SER A 7 -22.98 -3.47 -17.72
CA SER A 7 -22.72 -3.21 -16.31
C SER A 7 -23.80 -3.85 -15.44
N ILE A 8 -25.06 -3.76 -15.86
CA ILE A 8 -26.16 -4.34 -15.08
C ILE A 8 -26.00 -5.85 -14.96
N LEU A 9 -25.93 -6.53 -16.11
CA LEU A 9 -25.83 -7.99 -16.11
C LEU A 9 -24.63 -8.49 -15.30
N PHE A 10 -23.46 -7.89 -15.55
CA PHE A 10 -22.26 -8.27 -14.81
C PHE A 10 -22.43 -8.04 -13.31
N SER A 11 -23.05 -6.92 -12.90
CA SER A 11 -23.27 -6.68 -11.48
C SER A 11 -24.14 -7.78 -10.87
N ILE A 12 -25.18 -8.20 -11.58
CA ILE A 12 -26.03 -9.30 -11.10
C ILE A 12 -25.20 -10.55 -10.88
N ALA A 13 -24.47 -10.98 -11.91
CA ALA A 13 -23.65 -12.19 -11.80
C ALA A 13 -22.67 -12.10 -10.64
N THR A 14 -21.99 -10.95 -10.51
CA THR A 14 -21.04 -10.77 -9.42
C THR A 14 -21.74 -10.89 -8.08
N PHE A 15 -22.95 -10.36 -7.95
CA PHE A 15 -23.69 -10.54 -6.70
C PHE A 15 -23.92 -12.01 -6.42
N PHE A 16 -24.27 -12.79 -7.45
CA PHE A 16 -24.51 -14.21 -7.24
C PHE A 16 -23.24 -14.96 -6.87
N SER A 17 -22.09 -14.45 -7.29
CA SER A 17 -20.81 -15.07 -6.91
C SER A 17 -20.72 -15.26 -5.39
N ARG A 18 -21.01 -14.19 -4.63
CA ARG A 18 -20.90 -14.26 -3.19
C ARG A 18 -21.92 -15.23 -2.58
N ILE A 19 -23.09 -15.35 -3.21
CA ILE A 19 -24.18 -16.14 -2.64
C ILE A 19 -23.97 -17.63 -2.88
N LEU A 20 -23.25 -17.99 -3.94
CA LEU A 20 -23.19 -19.41 -4.29
C LEU A 20 -22.59 -20.27 -3.18
N GLY A 21 -21.62 -19.74 -2.43
CA GLY A 21 -21.09 -20.51 -1.30
C GLY A 21 -22.17 -20.84 -0.29
N LEU A 22 -22.91 -19.83 0.15
CA LEU A 22 -24.02 -20.06 1.08
C LEU A 22 -25.01 -21.06 0.52
N PHE A 23 -25.37 -20.91 -0.76
CA PHE A 23 -26.39 -21.79 -1.34
C PHE A 23 -25.91 -23.23 -1.42
N ARG A 24 -24.64 -23.43 -1.77
CA ARG A 24 -24.06 -24.76 -1.74
C ARG A 24 -24.16 -25.38 -0.35
N ASP A 25 -23.75 -24.62 0.67
CA ASP A 25 -23.83 -25.13 2.03
C ASP A 25 -25.26 -25.50 2.41
N VAL A 26 -26.21 -24.67 2.00
CA VAL A 26 -27.63 -24.92 2.28
C VAL A 26 -28.07 -26.24 1.69
N LEU A 27 -27.79 -26.45 0.40
CA LEU A 27 -28.22 -27.69 -0.24
C LEU A 27 -27.49 -28.89 0.33
N PHE A 28 -26.22 -28.73 0.71
CA PHE A 28 -25.54 -29.78 1.49
C PHE A 28 -26.39 -30.17 2.70
N ALA A 29 -26.83 -29.18 3.47
CA ALA A 29 -27.69 -29.47 4.61
C ALA A 29 -28.95 -30.21 4.18
N LYS A 30 -29.68 -29.66 3.22
CA LYS A 30 -30.98 -30.20 2.84
C LYS A 30 -30.87 -31.66 2.43
N TYR A 31 -29.90 -31.99 1.58
CA TYR A 31 -29.84 -33.33 0.99
C TYR A 31 -29.06 -34.32 1.85
N PHE A 32 -28.04 -33.87 2.60
CA PHE A 32 -27.23 -34.77 3.40
C PHE A 32 -27.34 -34.53 4.89
N GLY A 33 -27.76 -33.34 5.31
CA GLY A 33 -27.77 -33.02 6.73
C GLY A 33 -26.38 -33.23 7.32
N VAL A 34 -26.34 -33.88 8.48
CA VAL A 34 -25.10 -34.25 9.13
C VAL A 34 -25.00 -35.77 9.04
N SER A 35 -24.02 -36.26 8.29
CA SER A 35 -23.88 -37.69 8.10
C SER A 35 -22.42 -38.02 7.81
N TYR A 36 -22.06 -39.27 8.04
CA TYR A 36 -20.67 -39.68 7.85
C TYR A 36 -20.27 -39.58 6.38
N GLU A 37 -21.23 -39.74 5.47
CA GLU A 37 -20.92 -39.58 4.04
C GLU A 37 -20.41 -38.17 3.77
N LEU A 38 -21.10 -37.16 4.29
CA LEU A 38 -20.66 -35.79 4.05
C LEU A 38 -19.31 -35.53 4.70
N ASP A 39 -19.07 -36.11 5.88
CA ASP A 39 -17.75 -36.06 6.49
C ASP A 39 -16.68 -36.55 5.51
N ALA A 40 -16.91 -37.73 4.94
CA ALA A 40 -15.96 -38.29 3.99
C ALA A 40 -15.74 -37.33 2.81
N TYR A 41 -16.83 -36.76 2.31
CA TYR A 41 -16.72 -35.79 1.21
C TYR A 41 -15.81 -34.64 1.61
N PHE A 42 -16.03 -34.09 2.81
CA PHE A 42 -15.25 -32.94 3.24
C PHE A 42 -13.76 -33.28 3.31
N ILE A 43 -13.42 -34.46 3.82
CA ILE A 43 -12.02 -34.91 3.84
C ILE A 43 -11.44 -34.98 2.42
N ALA A 44 -12.17 -35.67 1.53
CA ALA A 44 -11.69 -35.90 0.18
C ALA A 44 -11.43 -34.59 -0.55
N ILE A 45 -12.34 -33.61 -0.40
CA ILE A 45 -12.10 -32.31 -1.01
C ILE A 45 -11.06 -31.52 -0.23
N MET A 46 -10.82 -31.86 1.03
CA MET A 46 -9.84 -31.12 1.82
C MET A 46 -8.44 -31.34 1.28
N PHE A 47 -8.19 -32.50 0.68
CA PHE A 47 -6.89 -32.69 0.02
C PHE A 47 -6.64 -31.62 -1.05
N PRO A 48 -7.41 -31.55 -2.14
CA PRO A 48 -7.16 -30.51 -3.15
C PRO A 48 -7.37 -29.10 -2.63
N PHE A 49 -8.12 -28.89 -1.55
CA PHE A 49 -8.29 -27.54 -1.00
C PHE A 49 -6.97 -27.03 -0.42
N PHE A 50 -6.29 -27.87 0.36
CA PHE A 50 -4.94 -27.57 0.82
C PHE A 50 -4.00 -27.33 -0.35
N LEU A 51 -3.89 -28.33 -1.25
CA LEU A 51 -2.97 -28.16 -2.37
C LEU A 51 -3.31 -26.94 -3.20
N ARG A 52 -4.59 -26.55 -3.26
CA ARG A 52 -4.99 -25.33 -3.92
C ARG A 52 -4.40 -24.12 -3.21
N LYS A 53 -4.47 -24.12 -1.88
CA LYS A 53 -3.86 -23.02 -1.12
C LYS A 53 -2.38 -22.89 -1.45
N VAL A 54 -1.73 -23.99 -1.83
CA VAL A 54 -0.32 -23.91 -2.23
C VAL A 54 -0.19 -23.44 -3.68
N PHE A 55 -0.96 -24.03 -4.60
CA PHE A 55 -0.80 -23.81 -6.03
C PHE A 55 -1.90 -22.96 -6.66
N GLY A 56 -2.75 -22.31 -5.86
CA GLY A 56 -3.90 -21.61 -6.39
C GLY A 56 -3.54 -20.27 -7.00
N GLU A 57 -4.60 -19.51 -7.34
CA GLU A 57 -4.41 -18.21 -7.94
C GLU A 57 -3.79 -17.22 -6.96
N GLY A 58 -4.05 -17.39 -5.66
CA GLY A 58 -3.38 -16.55 -4.69
C GLY A 58 -1.88 -16.71 -4.77
N ALA A 59 -1.41 -17.96 -4.79
CA ALA A 59 0.02 -18.21 -4.82
C ALA A 59 0.64 -17.71 -6.11
N MET A 60 -0.06 -17.90 -7.24
CA MET A 60 0.49 -17.43 -8.50
C MET A 60 0.57 -15.91 -8.53
N SER A 61 -0.47 -15.22 -8.04
CA SER A 61 -0.45 -13.76 -8.03
C SER A 61 0.61 -13.24 -7.07
N SER A 62 0.93 -13.99 -6.02
CA SER A 62 1.94 -13.54 -5.08
C SER A 62 3.35 -13.73 -5.64
N ALA A 63 3.63 -14.91 -6.22
CA ALA A 63 5.00 -15.27 -6.59
C ALA A 63 5.27 -15.36 -8.08
N PHE A 64 4.37 -15.97 -8.85
CA PHE A 64 4.63 -16.15 -10.27
C PHE A 64 4.37 -14.87 -11.06
N VAL A 65 3.23 -14.22 -10.84
CA VAL A 65 2.84 -13.09 -11.68
C VAL A 65 3.93 -12.02 -11.71
N PRO A 66 4.55 -11.62 -10.60
CA PRO A 66 5.63 -10.63 -10.71
C PRO A 66 6.70 -11.00 -11.72
N LEU A 67 7.20 -12.23 -11.68
CA LEU A 67 8.29 -12.63 -12.57
C LEU A 67 7.82 -12.67 -14.02
N TYR A 68 6.66 -13.26 -14.27
CA TYR A 68 6.08 -13.26 -15.61
C TYR A 68 5.97 -11.83 -16.13
N SER A 69 5.44 -10.92 -15.30
CA SER A 69 5.26 -9.53 -15.70
C SER A 69 6.60 -8.86 -16.01
N GLU A 70 7.64 -9.22 -15.27
CA GLU A 70 8.96 -8.63 -15.52
C GLU A 70 9.41 -8.90 -16.95
N LYS A 71 9.37 -10.15 -17.37
CA LYS A 71 9.86 -10.55 -18.68
C LYS A 71 8.85 -10.19 -19.76
N SER A 72 9.29 -10.28 -21.01
CA SER A 72 8.41 -10.06 -22.16
C SER A 72 9.07 -10.61 -23.40
N GLY A 73 8.23 -10.96 -24.38
CA GLY A 73 8.71 -11.60 -25.59
C GLY A 73 8.81 -13.11 -25.48
N GLU A 74 9.81 -13.69 -26.13
CA GLU A 74 9.97 -15.15 -26.08
C GLU A 74 10.27 -15.62 -24.67
N GLU A 75 11.16 -14.92 -23.96
CA GLU A 75 11.53 -15.32 -22.61
C GLU A 75 10.31 -15.49 -21.73
N LYS A 76 9.32 -14.61 -21.89
CA LYS A 76 8.10 -14.71 -21.11
C LYS A 76 7.39 -16.05 -21.35
N ASP A 77 7.18 -16.40 -22.62
CA ASP A 77 6.50 -17.64 -22.95
C ASP A 77 7.29 -18.85 -22.45
N LYS A 78 8.61 -18.83 -22.59
CA LYS A 78 9.42 -19.95 -22.11
C LYS A 78 9.31 -20.08 -20.60
N PHE A 79 9.27 -18.96 -19.88
CA PHE A 79 9.15 -19.00 -18.43
C PHE A 79 7.79 -19.57 -18.02
N LEU A 80 6.74 -19.10 -18.67
CA LEU A 80 5.41 -19.64 -18.41
C LEU A 80 5.38 -21.15 -18.64
N SER A 81 5.85 -21.59 -19.80
CA SER A 81 5.90 -23.01 -20.10
C SER A 81 6.70 -23.77 -19.05
N SER A 82 7.85 -23.23 -18.65
CA SER A 82 8.70 -23.90 -17.67
C SER A 82 7.96 -24.08 -16.36
N VAL A 83 7.21 -23.05 -15.93
CA VAL A 83 6.49 -23.18 -14.66
C VAL A 83 5.35 -24.17 -14.79
N ILE A 84 4.59 -24.10 -15.88
CA ILE A 84 3.48 -25.04 -16.04
C ILE A 84 4.01 -26.47 -16.05
N ASN A 85 5.14 -26.70 -16.73
CA ASN A 85 5.73 -28.03 -16.79
C ASN A 85 6.19 -28.51 -15.41
N GLY A 86 7.03 -27.72 -14.74
CA GLY A 86 7.52 -28.12 -13.44
C GLY A 86 6.40 -28.41 -12.45
N PHE A 87 5.44 -27.49 -12.34
CA PHE A 87 4.36 -27.70 -11.40
C PHE A 87 3.44 -28.83 -11.85
N SER A 88 3.26 -29.05 -13.15
CA SER A 88 2.47 -30.19 -13.60
C SER A 88 3.13 -31.48 -13.15
N LEU A 89 4.46 -31.55 -13.25
CA LEU A 89 5.16 -32.73 -12.77
C LEU A 89 4.93 -32.94 -11.29
N ILE A 90 5.21 -31.90 -10.49
CA ILE A 90 5.01 -31.99 -9.03
C ILE A 90 3.62 -32.49 -8.71
N ILE A 91 2.60 -31.84 -9.28
CA ILE A 91 1.22 -32.16 -8.98
C ILE A 91 0.88 -33.58 -9.42
N LEU A 92 1.37 -33.99 -10.60
CA LEU A 92 1.16 -35.36 -11.04
C LEU A 92 1.72 -36.34 -10.03
N ALA A 93 2.91 -36.03 -9.50
CA ALA A 93 3.52 -36.90 -8.50
C ALA A 93 2.65 -36.97 -7.27
N LEU A 94 2.07 -35.84 -6.86
CA LEU A 94 1.22 -35.86 -5.68
C LEU A 94 -0.04 -36.68 -5.93
N VAL A 95 -0.60 -36.60 -7.14
CA VAL A 95 -1.78 -37.37 -7.47
C VAL A 95 -1.46 -38.86 -7.39
N ILE A 96 -0.35 -39.26 -7.99
CA ILE A 96 0.07 -40.66 -7.96
C ILE A 96 0.26 -41.11 -6.52
N LEU A 97 1.01 -40.33 -5.73
CA LEU A 97 1.20 -40.65 -4.31
C LEU A 97 -0.13 -40.79 -3.59
N SER A 98 -1.14 -40.01 -3.99
CA SER A 98 -2.46 -40.11 -3.37
C SER A 98 -3.14 -41.41 -3.75
N TYR A 99 -3.06 -41.79 -5.02
CA TYR A 99 -3.65 -43.05 -5.47
C TYR A 99 -3.06 -44.25 -4.73
N PHE A 100 -1.72 -44.29 -4.62
CA PHE A 100 -1.08 -45.47 -4.04
C PHE A 100 -1.13 -45.52 -2.52
N PHE A 101 -1.21 -44.38 -1.84
CA PHE A 101 -1.26 -44.34 -0.38
C PHE A 101 -2.41 -43.46 0.10
N PRO A 102 -3.65 -43.86 -0.18
CA PRO A 102 -4.78 -43.02 0.27
C PRO A 102 -4.83 -42.88 1.78
N GLU A 103 -4.56 -43.97 2.50
CA GLU A 103 -4.74 -43.96 3.95
C GLU A 103 -3.90 -42.86 4.59
N LEU A 104 -2.70 -42.62 4.08
CA LEU A 104 -1.86 -41.56 4.64
C LEU A 104 -2.58 -40.22 4.62
N ILE A 105 -3.06 -39.82 3.44
CA ILE A 105 -3.78 -38.55 3.31
C ILE A 105 -5.01 -38.52 4.20
N ILE A 106 -5.84 -39.57 4.11
CA ILE A 106 -7.07 -39.59 4.89
C ILE A 106 -6.77 -39.39 6.37
N ASN A 107 -5.85 -40.18 6.92
CA ASN A 107 -5.44 -40.02 8.31
C ASN A 107 -4.94 -38.60 8.57
N LEU A 108 -4.26 -38.01 7.58
CA LEU A 108 -3.75 -36.66 7.74
C LEU A 108 -4.87 -35.65 7.97
N PHE A 109 -5.96 -35.76 7.22
CA PHE A 109 -7.05 -34.80 7.36
C PHE A 109 -8.20 -35.28 8.23
N GLY A 110 -8.34 -36.59 8.44
CA GLY A 110 -9.44 -37.12 9.25
C GLY A 110 -9.08 -38.38 9.99
N ALA A 111 -8.13 -38.28 10.92
CA ALA A 111 -7.59 -39.47 11.59
C ALA A 111 -8.63 -40.12 12.50
N GLY A 112 -9.49 -39.32 13.11
CA GLY A 112 -10.34 -39.82 14.18
C GLY A 112 -11.73 -40.29 13.79
N SER A 113 -11.96 -40.47 12.50
CA SER A 113 -13.25 -40.93 11.98
C SER A 113 -13.43 -42.45 12.05
N SER A 114 -14.68 -42.90 11.91
CA SER A 114 -14.97 -44.33 11.92
C SER A 114 -14.43 -45.01 10.67
N HIS A 115 -14.39 -46.34 10.70
CA HIS A 115 -13.81 -47.09 9.59
C HIS A 115 -14.59 -46.87 8.30
N GLU A 116 -15.92 -46.87 8.39
CA GLU A 116 -16.73 -46.67 7.18
C GLU A 116 -16.50 -45.29 6.58
N THR A 117 -16.42 -44.26 7.44
CA THR A 117 -16.12 -42.92 6.95
C THR A 117 -14.80 -42.90 6.20
N LYS A 118 -13.80 -43.63 6.70
CA LYS A 118 -12.47 -43.59 6.08
C LYS A 118 -12.46 -44.35 4.76
N ILE A 119 -13.18 -45.47 4.67
CA ILE A 119 -13.26 -46.21 3.41
C ILE A 119 -13.94 -45.35 2.34
N LEU A 120 -15.10 -44.81 2.67
CA LEU A 120 -15.78 -43.92 1.75
C LEU A 120 -14.85 -42.79 1.34
N ALA A 121 -14.23 -42.13 2.32
CA ALA A 121 -13.30 -41.05 2.01
C ALA A 121 -12.22 -41.53 1.06
N LYS A 122 -11.79 -42.79 1.15
CA LYS A 122 -10.76 -43.29 0.24
C LYS A 122 -11.26 -43.31 -1.20
N LYS A 123 -12.46 -43.84 -1.42
CA LYS A 123 -13.03 -43.82 -2.77
C LYS A 123 -13.19 -42.38 -3.28
N LEU A 124 -13.88 -41.56 -2.50
CA LEU A 124 -14.07 -40.16 -2.89
C LEU A 124 -12.73 -39.49 -3.17
N LEU A 125 -11.71 -39.80 -2.39
CA LEU A 125 -10.37 -39.26 -2.64
C LEU A 125 -9.88 -39.65 -4.01
N LEU A 126 -10.10 -40.91 -4.40
CA LEU A 126 -9.76 -41.32 -5.77
C LEU A 126 -10.38 -40.37 -6.78
N ILE A 127 -11.62 -39.94 -6.51
CA ILE A 127 -12.28 -39.04 -7.48
C ILE A 127 -11.69 -37.63 -7.42
N THR A 128 -11.38 -37.13 -6.22
CA THR A 128 -11.05 -35.72 -6.06
C THR A 128 -9.57 -35.39 -6.21
N SER A 129 -8.68 -36.38 -6.13
CA SER A 129 -7.26 -36.07 -6.22
C SER A 129 -6.87 -35.41 -7.53
N PRO A 130 -7.43 -35.77 -8.69
CA PRO A 130 -7.01 -35.11 -9.93
C PRO A 130 -7.43 -33.65 -10.01
N SER A 131 -8.39 -33.20 -9.21
CA SER A 131 -8.92 -31.84 -9.37
C SER A 131 -7.83 -30.78 -9.25
N ILE A 132 -6.79 -31.04 -8.46
CA ILE A 132 -5.78 -30.01 -8.20
C ILE A 132 -5.02 -29.67 -9.48
N TYR A 133 -4.86 -30.63 -10.39
CA TYR A 133 -4.13 -30.36 -11.64
C TYR A 133 -4.87 -29.34 -12.50
N PHE A 134 -6.16 -29.55 -12.68
CA PHE A 134 -6.97 -28.61 -13.44
C PHE A 134 -7.11 -27.28 -12.70
N ILE A 135 -7.22 -27.32 -11.38
CA ILE A 135 -7.23 -26.08 -10.64
C ILE A 135 -5.96 -25.30 -10.90
N PHE A 136 -4.81 -25.99 -10.96
CA PHE A 136 -3.55 -25.31 -11.21
C PHE A 136 -3.51 -24.70 -12.61
N LEU A 137 -3.88 -25.49 -13.62
CA LEU A 137 -3.93 -24.95 -14.98
C LEU A 137 -4.81 -23.72 -15.02
N TRP A 138 -6.02 -23.82 -14.47
CA TRP A 138 -6.91 -22.67 -14.45
C TRP A 138 -6.27 -21.50 -13.71
N ALA A 139 -5.63 -21.76 -12.56
CA ALA A 139 -5.17 -20.68 -11.70
C ALA A 139 -4.03 -19.91 -12.35
N ILE A 140 -3.07 -20.64 -12.92
CA ILE A 140 -1.96 -19.93 -13.56
C ILE A 140 -2.44 -19.25 -14.83
N SER A 141 -3.33 -19.89 -15.59
CA SER A 141 -3.83 -19.24 -16.80
C SER A 141 -4.67 -18.01 -16.46
N TYR A 142 -5.37 -18.04 -15.34
CA TYR A 142 -6.23 -16.94 -14.92
C TYR A 142 -5.41 -15.78 -14.37
N SER A 143 -4.32 -16.07 -13.67
CA SER A 143 -3.53 -15.02 -13.03
C SER A 143 -2.79 -14.12 -14.02
N ILE A 144 -2.52 -14.61 -15.24
CA ILE A 144 -1.73 -13.84 -16.20
C ILE A 144 -2.58 -12.96 -17.09
N LEU A 145 -3.90 -12.93 -16.90
CA LEU A 145 -4.75 -12.09 -17.74
C LEU A 145 -4.53 -10.61 -17.42
N ASN A 146 -4.50 -9.79 -18.47
CA ASN A 146 -4.51 -8.33 -18.34
C ASN A 146 -5.52 -7.79 -19.35
N THR A 147 -6.52 -7.09 -18.85
CA THR A 147 -7.68 -6.69 -19.65
C THR A 147 -7.77 -5.18 -19.75
N ASN A 148 -8.03 -4.69 -20.96
CA ASN A 148 -8.38 -3.29 -21.13
C ASN A 148 -9.86 -3.05 -20.83
N ASN A 149 -10.70 -4.03 -21.18
CA ASN A 149 -12.13 -3.91 -20.93
C ASN A 149 -12.41 -3.72 -19.45
N LYS A 150 -13.45 -2.92 -19.15
CA LYS A 150 -13.77 -2.57 -17.78
C LYS A 150 -14.22 -3.78 -16.98
N PHE A 151 -15.17 -4.54 -17.50
CA PHE A 151 -15.76 -5.67 -16.78
C PHE A 151 -14.95 -6.92 -17.01
N PHE A 152 -14.40 -7.48 -15.94
CA PHE A 152 -13.63 -8.71 -16.03
C PHE A 152 -14.60 -9.87 -15.97
N TRP A 153 -14.87 -10.48 -17.12
CA TRP A 153 -15.78 -11.62 -17.19
C TRP A 153 -15.14 -12.88 -16.62
N PRO A 154 -13.87 -13.15 -16.87
CA PRO A 154 -13.22 -14.28 -16.19
C PRO A 154 -13.32 -14.23 -14.67
N ALA A 155 -13.60 -13.07 -14.08
CA ALA A 155 -13.71 -12.97 -12.63
C ALA A 155 -14.87 -13.77 -12.07
N LEU A 156 -15.80 -14.20 -12.92
CA LEU A 156 -16.88 -15.10 -12.50
C LEU A 156 -16.49 -16.57 -12.60
N THR A 157 -15.34 -16.88 -13.21
CA THR A 157 -14.93 -18.26 -13.40
C THR A 157 -14.79 -19.03 -12.09
N PRO A 158 -14.19 -18.48 -11.04
CA PRO A 158 -14.10 -19.23 -9.78
C PRO A 158 -15.40 -19.87 -9.35
N SER A 159 -16.55 -19.27 -9.67
CA SER A 159 -17.82 -19.80 -9.20
C SER A 159 -18.17 -21.14 -9.84
N ILE A 160 -17.72 -21.36 -11.08
CA ILE A 160 -18.11 -22.54 -11.86
C ILE A 160 -18.08 -23.79 -10.99
N SER A 161 -16.92 -24.04 -10.37
CA SER A 161 -16.76 -25.21 -9.52
C SER A 161 -17.94 -25.36 -8.55
N ASN A 162 -18.15 -24.36 -7.69
CA ASN A 162 -19.29 -24.38 -6.78
C ASN A 162 -20.57 -24.79 -7.52
N ILE A 163 -20.89 -24.07 -8.60
CA ILE A 163 -22.13 -24.34 -9.32
C ILE A 163 -22.24 -25.83 -9.65
N THR A 164 -21.20 -26.39 -10.25
CA THR A 164 -21.27 -27.81 -10.62
C THR A 164 -21.57 -28.66 -9.40
N ILE A 165 -20.88 -28.40 -8.29
CA ILE A 165 -21.14 -29.14 -7.06
C ILE A 165 -22.61 -28.98 -6.68
N ILE A 166 -23.11 -27.74 -6.69
CA ILE A 166 -24.54 -27.52 -6.45
C ILE A 166 -25.35 -28.48 -7.30
N ILE A 167 -25.10 -28.50 -8.60
CA ILE A 167 -25.81 -29.42 -9.47
C ILE A 167 -25.66 -30.84 -8.94
N GLY A 168 -24.42 -31.27 -8.72
CA GLY A 168 -24.21 -32.60 -8.16
C GLY A 168 -25.06 -32.83 -6.92
N THR A 169 -25.16 -31.81 -6.06
CA THR A 169 -25.97 -31.94 -4.86
C THR A 169 -27.43 -32.20 -5.22
N PHE A 170 -27.99 -31.41 -6.13
CA PHE A 170 -29.35 -31.66 -6.59
C PHE A 170 -29.54 -33.11 -7.01
N LEU A 171 -28.47 -33.76 -7.48
CA LEU A 171 -28.57 -35.11 -8.02
C LEU A 171 -28.30 -36.19 -6.98
N SER A 172 -27.88 -35.81 -5.77
CA SER A 172 -27.52 -36.80 -4.77
C SER A 172 -28.63 -37.83 -4.58
N THR A 173 -29.88 -37.39 -4.55
CA THR A 173 -31.00 -38.32 -4.35
C THR A 173 -30.89 -39.53 -5.27
N LYS A 174 -30.53 -39.30 -6.53
CA LYS A 174 -30.48 -40.41 -7.48
C LYS A 174 -29.19 -41.23 -7.34
N TYR A 175 -28.08 -40.61 -6.94
CA TYR A 175 -26.77 -41.25 -6.99
C TYR A 175 -25.95 -41.13 -5.72
N GLY A 176 -26.46 -40.46 -4.70
CA GLY A 176 -25.74 -40.39 -3.44
C GLY A 176 -24.53 -39.47 -3.48
N ILE A 177 -23.72 -39.59 -2.42
CA ILE A 177 -22.65 -38.65 -2.17
C ILE A 177 -21.71 -38.52 -3.37
N ILE A 178 -21.59 -39.58 -4.17
CA ILE A 178 -20.61 -39.53 -5.25
C ILE A 178 -20.95 -38.42 -6.22
N SER A 179 -22.23 -38.09 -6.40
CA SER A 179 -22.56 -37.03 -7.37
C SER A 179 -21.93 -35.70 -6.97
N PRO A 180 -22.09 -35.21 -5.74
CA PRO A 180 -21.30 -34.02 -5.33
C PRO A 180 -19.82 -34.15 -5.63
N THR A 181 -19.20 -35.23 -5.18
CA THR A 181 -17.78 -35.44 -5.45
C THR A 181 -17.47 -35.26 -6.94
N ILE A 182 -18.13 -36.05 -7.80
CA ILE A 182 -17.92 -35.90 -9.24
C ILE A 182 -18.07 -34.44 -9.63
N GLY A 183 -19.16 -33.80 -9.18
CA GLY A 183 -19.36 -32.40 -9.42
C GLY A 183 -18.08 -31.63 -9.18
N PHE A 184 -17.60 -31.72 -7.93
CA PHE A 184 -16.33 -31.12 -7.56
C PHE A 184 -15.30 -31.30 -8.66
N LEU A 185 -14.94 -32.55 -8.95
CA LEU A 185 -13.95 -32.81 -9.98
C LEU A 185 -14.32 -32.09 -11.26
N ILE A 186 -15.50 -32.40 -11.81
CA ILE A 186 -15.87 -31.83 -13.10
C ILE A 186 -15.78 -30.32 -13.05
N GLY A 187 -16.23 -29.73 -11.94
CA GLY A 187 -16.13 -28.30 -11.78
C GLY A 187 -14.75 -27.81 -12.17
N SER A 188 -13.75 -28.32 -11.45
CA SER A 188 -12.38 -27.91 -11.73
C SER A 188 -12.09 -28.00 -13.22
N ILE A 189 -12.37 -29.16 -13.82
CA ILE A 189 -12.10 -29.33 -15.25
C ILE A 189 -12.76 -28.21 -16.03
N LEU A 190 -14.08 -28.04 -15.83
CA LEU A 190 -14.79 -27.00 -16.55
C LEU A 190 -14.15 -25.64 -16.29
N MET A 191 -13.81 -25.35 -15.04
CA MET A 191 -13.15 -24.09 -14.74
C MET A 191 -11.95 -23.89 -15.67
N PHE A 192 -11.06 -24.89 -15.74
CA PHE A 192 -9.95 -24.82 -16.68
C PHE A 192 -10.47 -24.48 -18.07
N PHE A 193 -11.36 -25.32 -18.59
CA PHE A 193 -11.87 -25.11 -19.93
C PHE A 193 -12.37 -23.70 -20.13
N SER A 194 -12.93 -23.10 -19.08
CA SER A 194 -13.56 -21.80 -19.26
C SER A 194 -12.59 -20.77 -19.82
N ILE A 195 -11.30 -20.90 -19.53
CA ILE A 195 -10.31 -19.94 -20.03
C ILE A 195 -9.28 -20.61 -20.93
N ILE A 196 -9.56 -21.82 -21.42
CA ILE A 196 -8.60 -22.49 -22.29
C ILE A 196 -8.24 -21.59 -23.47
N LYS A 197 -9.24 -20.92 -24.06
CA LYS A 197 -8.99 -20.07 -25.22
C LYS A 197 -7.87 -19.08 -24.93
N SER A 198 -7.79 -18.58 -23.70
CA SER A 198 -6.71 -17.68 -23.35
C SER A 198 -5.36 -18.38 -23.43
N ILE A 199 -5.19 -19.45 -22.65
CA ILE A 199 -3.87 -20.02 -22.45
C ILE A 199 -3.30 -20.57 -23.76
N ILE A 200 -4.18 -21.02 -24.66
CA ILE A 200 -3.74 -21.52 -25.97
C ILE A 200 -2.84 -20.50 -26.65
N LYS A 201 -3.19 -19.21 -26.56
CA LYS A 201 -2.50 -18.19 -27.35
C LYS A 201 -0.98 -18.22 -27.16
N HIS A 202 -0.53 -18.63 -25.99
CA HIS A 202 0.91 -18.63 -25.71
C HIS A 202 1.57 -19.85 -26.32
N LYS A 203 2.74 -19.64 -26.93
CA LYS A 203 3.50 -20.74 -27.49
C LYS A 203 3.98 -21.66 -26.38
N TYR A 204 3.96 -22.96 -26.64
CA TYR A 204 4.39 -23.95 -25.66
C TYR A 204 5.83 -24.35 -25.92
N TYR A 205 6.65 -24.24 -24.90
CA TYR A 205 8.03 -24.72 -24.94
C TYR A 205 8.14 -25.92 -24.02
N PHE A 206 8.69 -27.03 -24.55
CA PHE A 206 8.90 -28.23 -23.76
C PHE A 206 10.23 -28.07 -23.03
N THR A 207 10.17 -27.40 -21.87
CA THR A 207 11.39 -27.12 -21.15
C THR A 207 11.09 -26.94 -19.66
N ILE A 208 12.15 -26.94 -18.87
CA ILE A 208 12.06 -26.80 -17.43
C ILE A 208 13.32 -26.08 -16.98
N LYS A 209 13.91 -25.30 -17.90
CA LYS A 209 15.28 -24.84 -17.73
C LYS A 209 15.48 -24.09 -16.42
N HIS A 210 14.62 -23.11 -16.14
CA HIS A 210 14.81 -22.25 -14.99
C HIS A 210 13.82 -22.53 -13.86
N PHE A 211 13.22 -23.73 -13.84
CA PHE A 211 12.25 -24.05 -12.79
C PHE A 211 12.89 -24.09 -11.42
N PRO A 212 14.00 -24.81 -11.19
CA PRO A 212 14.55 -24.90 -9.82
C PRO A 212 14.80 -23.54 -9.18
N HIS A 213 15.30 -22.58 -9.96
CA HIS A 213 15.43 -21.22 -9.44
C HIS A 213 14.07 -20.65 -9.08
N PHE A 214 13.04 -20.96 -9.87
CA PHE A 214 11.72 -20.47 -9.53
C PHE A 214 11.24 -21.07 -8.22
N LEU A 215 11.54 -22.34 -7.97
CA LEU A 215 11.18 -22.92 -6.69
C LEU A 215 11.93 -22.23 -5.55
N LYS A 216 13.20 -21.89 -5.77
CA LYS A 216 13.92 -21.15 -4.74
C LYS A 216 13.22 -19.83 -4.43
N LEU A 217 12.77 -19.13 -5.47
CA LEU A 217 12.04 -17.88 -5.24
C LEU A 217 10.62 -18.09 -4.73
N PHE A 218 10.06 -19.28 -4.93
CA PHE A 218 8.70 -19.60 -4.53
C PHE A 218 8.63 -20.11 -3.10
N PHE A 219 9.74 -20.58 -2.55
CA PHE A 219 9.71 -21.24 -1.25
C PHE A 219 9.05 -20.37 -0.18
N PRO A 220 9.38 -19.09 -0.02
CA PRO A 220 8.68 -18.27 0.99
C PRO A 220 7.16 -18.31 0.88
N THR A 221 6.63 -18.06 -0.31
CA THR A 221 5.19 -18.17 -0.54
C THR A 221 4.64 -19.51 -0.07
N PHE A 222 5.29 -20.60 -0.49
CA PHE A 222 4.87 -21.94 -0.11
C PHE A 222 4.82 -22.10 1.41
N MET A 223 5.93 -21.76 2.07
CA MET A 223 6.00 -21.80 3.52
C MET A 223 4.80 -21.10 4.13
N THR A 224 4.56 -19.85 3.72
CA THR A 224 3.48 -19.08 4.35
C THR A 224 2.13 -19.77 4.17
N MET A 225 1.85 -20.25 2.96
CA MET A 225 0.55 -20.89 2.70
C MET A 225 0.36 -22.13 3.57
N VAL A 226 1.35 -23.03 3.56
CA VAL A 226 1.29 -24.22 4.42
C VAL A 226 1.04 -23.83 5.87
N VAL A 227 1.79 -22.84 6.35
CA VAL A 227 1.67 -22.46 7.76
C VAL A 227 0.26 -21.98 8.06
N SER A 228 -0.32 -21.17 7.16
CA SER A 228 -1.68 -20.70 7.39
C SER A 228 -2.67 -21.86 7.41
N GLN A 229 -2.39 -22.92 6.66
CA GLN A 229 -3.28 -24.08 6.71
C GLN A 229 -3.11 -24.95 7.96
N ILE A 230 -1.95 -24.87 8.64
CA ILE A 230 -1.69 -25.76 9.79
C ILE A 230 -2.82 -25.68 10.82
N ASN A 231 -3.20 -24.47 11.22
CA ASN A 231 -4.27 -24.33 12.21
C ASN A 231 -5.55 -25.03 11.76
N THR A 232 -5.91 -24.86 10.49
CA THR A 232 -7.14 -25.45 9.98
C THR A 232 -7.10 -26.97 10.02
N VAL A 233 -5.97 -27.54 9.57
CA VAL A 233 -5.83 -28.98 9.58
C VAL A 233 -5.93 -29.53 11.00
N VAL A 234 -5.26 -28.87 11.95
CA VAL A 234 -5.35 -29.29 13.34
C VAL A 234 -6.79 -29.26 13.82
N ASP A 235 -7.47 -28.13 13.58
CA ASP A 235 -8.89 -28.01 13.90
C ASP A 235 -9.66 -29.23 13.40
N MET A 236 -9.46 -29.56 12.13
CA MET A 236 -10.27 -30.61 11.52
C MET A 236 -10.00 -31.97 12.15
N ASN A 237 -8.73 -32.30 12.42
CA ASN A 237 -8.45 -33.60 13.04
C ASN A 237 -9.09 -33.70 14.41
N VAL A 238 -8.80 -32.71 15.28
CA VAL A 238 -9.39 -32.71 16.62
C VAL A 238 -10.90 -32.94 16.53
N VAL A 239 -11.57 -32.15 15.69
CA VAL A 239 -13.03 -32.27 15.57
C VAL A 239 -13.42 -33.66 15.08
N SER A 240 -12.71 -34.19 14.09
CA SER A 240 -13.08 -35.48 13.51
C SER A 240 -13.17 -36.55 14.57
N PHE A 241 -12.32 -36.46 15.60
CA PHE A 241 -12.32 -37.53 16.60
C PHE A 241 -13.69 -37.70 17.26
N TYR A 242 -14.41 -36.61 17.50
CA TYR A 242 -15.49 -36.60 18.48
C TYR A 242 -16.62 -37.56 18.11
N ASP A 243 -17.33 -37.30 17.02
CA ASP A 243 -18.57 -38.00 16.77
C ASP A 243 -18.76 -38.19 15.27
N LYS A 244 -19.74 -39.02 14.93
CA LYS A 244 -20.18 -39.13 13.56
C LYS A 244 -20.78 -37.80 13.14
N GLY A 245 -20.22 -37.20 12.09
CA GLY A 245 -20.74 -35.95 11.59
C GLY A 245 -20.20 -34.71 12.26
N SER A 246 -19.12 -34.84 13.03
CA SER A 246 -18.53 -33.68 13.69
C SER A 246 -17.95 -32.71 12.66
N ILE A 247 -17.24 -33.24 11.67
CA ILE A 247 -16.65 -32.40 10.63
C ILE A 247 -17.72 -31.60 9.90
N SER A 248 -18.79 -32.28 9.50
CA SER A 248 -19.89 -31.60 8.82
C SER A 248 -20.44 -30.46 9.67
N TYR A 249 -20.69 -30.75 10.95
CA TYR A 249 -21.08 -29.70 11.89
C TYR A 249 -20.12 -28.52 11.79
N LEU A 250 -18.81 -28.81 11.80
CA LEU A 250 -17.85 -27.72 11.82
C LEU A 250 -17.93 -26.88 10.55
N GLN A 251 -18.19 -27.50 9.40
CA GLN A 251 -18.25 -26.74 8.15
C GLN A 251 -19.54 -25.92 8.05
N TYR A 252 -20.66 -26.51 8.47
CA TYR A 252 -21.91 -25.77 8.55
C TYR A 252 -21.77 -24.56 9.46
N ALA A 253 -21.18 -24.75 10.63
CA ALA A 253 -20.89 -23.61 11.48
C ALA A 253 -19.87 -22.68 10.87
N SER A 254 -18.94 -23.21 10.05
CA SER A 254 -17.87 -22.40 9.47
C SER A 254 -18.43 -21.36 8.51
N ARG A 255 -19.47 -21.72 7.77
CA ARG A 255 -20.09 -20.72 6.89
C ARG A 255 -20.42 -19.44 7.64
N PHE A 256 -21.00 -19.56 8.83
CA PHE A 256 -21.37 -18.40 9.61
C PHE A 256 -20.29 -17.94 10.59
N TYR A 257 -19.30 -18.80 10.87
CA TYR A 257 -18.07 -18.36 11.54
C TYR A 257 -17.62 -17.03 10.96
N LEU A 258 -17.44 -17.03 9.64
CA LEU A 258 -16.67 -16.02 8.92
C LEU A 258 -17.57 -15.02 8.21
N LEU A 259 -18.89 -15.18 8.27
CA LEU A 259 -19.75 -14.19 7.63
C LEU A 259 -19.54 -12.80 8.21
N PRO A 260 -19.36 -12.61 9.52
CA PRO A 260 -19.02 -11.26 10.01
C PRO A 260 -17.73 -10.73 9.42
N TYR A 261 -16.68 -11.56 9.38
CA TYR A 261 -15.41 -11.13 8.78
C TYR A 261 -15.61 -10.77 7.31
N GLY A 262 -16.37 -11.59 6.57
CA GLY A 262 -16.59 -11.31 5.15
C GLY A 262 -17.39 -10.04 4.93
N LEU A 263 -18.50 -9.89 5.66
CA LEU A 263 -19.32 -8.69 5.58
C LEU A 263 -18.49 -7.45 5.90
N PHE A 264 -17.74 -7.50 6.99
CA PHE A 264 -16.90 -6.36 7.38
C PHE A 264 -15.88 -6.03 6.31
N ALA A 265 -15.26 -7.05 5.70
CA ALA A 265 -14.24 -6.78 4.69
C ALA A 265 -14.70 -5.73 3.68
N VAL A 266 -15.92 -5.90 3.12
CA VAL A 266 -16.35 -5.03 2.03
C VAL A 266 -16.43 -3.56 2.46
N SER A 267 -16.95 -3.28 3.66
CA SER A 267 -17.21 -1.91 4.11
C SER A 267 -16.28 -1.44 5.22
N VAL A 268 -16.18 -2.20 6.30
CA VAL A 268 -15.42 -1.80 7.48
C VAL A 268 -13.94 -1.69 7.15
N SER A 269 -13.43 -2.60 6.32
CA SER A 269 -12.00 -2.68 6.11
C SER A 269 -11.45 -1.43 5.44
N THR A 270 -12.16 -0.85 4.49
CA THR A 270 -11.68 0.39 3.87
C THR A 270 -11.52 1.49 4.91
N VAL A 271 -12.58 1.74 5.69
CA VAL A 271 -12.53 2.77 6.72
C VAL A 271 -11.39 2.50 7.68
N VAL A 272 -11.41 1.33 8.32
CA VAL A 272 -10.43 0.98 9.35
C VAL A 272 -9.01 1.12 8.81
N LEU A 273 -8.77 0.62 7.60
CA LEU A 273 -7.46 0.68 6.96
C LEU A 273 -7.04 2.12 6.73
N SER A 274 -7.93 2.93 6.15
CA SER A 274 -7.63 4.33 5.90
C SER A 274 -7.20 5.03 7.17
N LYS A 275 -7.90 4.74 8.28
CA LYS A 275 -7.53 5.36 9.54
C LYS A 275 -6.16 4.89 10.02
N ILE A 276 -5.84 3.60 9.81
CA ILE A 276 -4.49 3.13 10.06
C ILE A 276 -3.52 3.90 9.18
N SER A 277 -2.47 4.45 9.78
CA SER A 277 -1.59 5.39 9.09
C SER A 277 -0.19 4.81 8.96
N ASN A 278 0.42 5.02 7.78
CA ASN A 278 1.77 4.53 7.52
C ASN A 278 2.82 5.32 8.29
N ASP A 279 2.63 6.63 8.43
CA ASP A 279 3.62 7.47 9.11
C ASP A 279 3.76 7.04 10.57
N ARG A 280 5.01 6.91 11.03
CA ARG A 280 5.30 6.36 12.36
C ARG A 280 5.07 7.36 13.50
N LYS A 281 5.02 8.66 13.19
CA LYS A 281 4.88 9.67 14.24
C LYS A 281 3.48 9.67 14.84
N ASN A 282 2.46 9.60 13.99
CA ASN A 282 1.07 9.67 14.42
C ASN A 282 0.46 8.28 14.62
N PHE A 283 1.28 7.29 14.96
CA PHE A 283 0.82 5.91 14.99
C PHE A 283 -0.26 5.71 16.06
N ASN A 284 -0.05 6.24 17.26
CA ASN A 284 -0.95 5.95 18.38
C ASN A 284 -2.33 6.57 18.19
N TYR A 285 -2.39 7.85 17.84
CA TYR A 285 -3.67 8.51 17.64
C TYR A 285 -4.51 7.80 16.59
N HIS A 286 -3.92 7.54 15.42
CA HIS A 286 -4.66 6.88 14.36
C HIS A 286 -5.01 5.45 14.72
N LEU A 287 -4.17 4.77 15.49
CA LEU A 287 -4.54 3.45 15.98
C LEU A 287 -5.80 3.53 16.82
N ASN A 288 -5.87 4.51 17.73
CA ASN A 288 -7.06 4.66 18.56
C ASN A 288 -8.30 4.94 17.73
N ASP A 289 -8.17 5.86 16.77
CA ASP A 289 -9.29 6.13 15.86
C ASP A 289 -9.78 4.86 15.18
N ALA A 290 -8.86 4.15 14.51
CA ALA A 290 -9.22 2.93 13.80
C ALA A 290 -9.81 1.89 14.76
N LEU A 291 -9.30 1.85 15.99
CA LEU A 291 -9.86 0.94 17.00
C LEU A 291 -11.30 1.29 17.31
N LYS A 292 -11.59 2.58 17.45
CA LYS A 292 -12.97 2.98 17.70
C LYS A 292 -13.87 2.48 16.58
N THR A 293 -13.44 2.62 15.33
CA THR A 293 -14.26 2.15 14.21
C THR A 293 -14.49 0.64 14.31
N THR A 294 -13.38 -0.12 14.50
CA THR A 294 -13.44 -1.57 14.57
C THR A 294 -14.43 -2.01 15.64
N LEU A 295 -14.30 -1.42 16.84
CA LEU A 295 -15.15 -1.77 17.97
C LEU A 295 -16.61 -1.47 17.64
N PHE A 296 -16.84 -0.28 17.07
CA PHE A 296 -18.18 0.17 16.76
C PHE A 296 -18.91 -0.89 15.93
N PHE A 297 -18.24 -1.43 14.92
CA PHE A 297 -18.94 -2.42 14.11
C PHE A 297 -18.95 -3.79 14.77
N THR A 298 -17.85 -4.20 15.39
CA THR A 298 -17.76 -5.59 15.84
C THR A 298 -18.69 -5.89 17.00
N ILE A 299 -18.63 -5.09 18.05
CA ILE A 299 -19.23 -5.53 19.31
C ILE A 299 -20.72 -5.83 19.13
N PRO A 300 -21.51 -4.90 18.60
CA PRO A 300 -22.95 -5.14 18.49
C PRO A 300 -23.28 -6.34 17.64
N SER A 301 -22.52 -6.54 16.55
CA SER A 301 -22.72 -7.71 15.71
C SER A 301 -22.48 -9.00 16.47
N MET A 302 -21.45 -9.03 17.33
CA MET A 302 -21.24 -10.22 18.15
C MET A 302 -22.45 -10.46 19.05
N VAL A 303 -22.90 -9.41 19.78
CA VAL A 303 -24.07 -9.59 20.66
C VAL A 303 -25.24 -10.13 19.85
N GLY A 304 -25.56 -9.46 18.73
CA GLY A 304 -26.67 -9.82 17.87
C GLY A 304 -26.59 -11.22 17.36
N LEU A 305 -25.48 -11.52 16.67
CA LEU A 305 -25.31 -12.84 16.08
C LEU A 305 -25.39 -13.93 17.14
N ILE A 306 -24.80 -13.70 18.32
CA ILE A 306 -24.89 -14.69 19.37
C ILE A 306 -26.35 -14.89 19.78
N PHE A 307 -27.10 -13.79 19.93
CA PHE A 307 -28.48 -13.91 20.36
C PHE A 307 -29.33 -14.60 19.30
N LEU A 308 -29.23 -14.16 18.05
CA LEU A 308 -30.05 -14.69 16.96
C LEU A 308 -29.41 -15.87 16.24
N SER A 309 -28.49 -16.58 16.90
CA SER A 309 -27.86 -17.73 16.26
C SER A 309 -28.89 -18.74 15.79
N THR A 310 -29.75 -19.19 16.70
CA THR A 310 -30.68 -20.26 16.38
C THR A 310 -31.66 -19.88 15.28
N PRO A 311 -32.34 -18.72 15.31
CA PRO A 311 -33.21 -18.38 14.18
C PRO A 311 -32.49 -18.39 12.84
N ILE A 312 -31.29 -17.81 12.76
CA ILE A 312 -30.53 -17.76 11.52
C ILE A 312 -30.22 -19.17 11.03
N ILE A 313 -29.57 -19.96 11.88
CA ILE A 313 -29.19 -21.33 11.50
C ILE A 313 -30.41 -22.13 11.09
N ARG A 314 -31.50 -22.03 11.87
CA ARG A 314 -32.73 -22.73 11.54
C ARG A 314 -33.23 -22.35 10.16
N PHE A 315 -33.35 -21.05 9.90
CA PHE A 315 -33.88 -20.60 8.62
C PHE A 315 -33.03 -21.10 7.46
N PHE A 316 -31.70 -21.07 7.61
CA PHE A 316 -30.85 -21.36 6.46
C PHE A 316 -30.61 -22.84 6.25
N TYR A 317 -30.53 -23.65 7.32
CA TYR A 317 -30.07 -25.02 7.21
C TYR A 317 -31.12 -26.07 7.50
N GLU A 318 -32.12 -25.78 8.35
CA GLU A 318 -32.91 -26.85 8.95
C GLU A 318 -33.76 -27.61 7.94
N HIS A 319 -33.88 -27.14 6.72
CA HIS A 319 -34.74 -27.82 5.75
C HIS A 319 -34.16 -29.17 5.38
N GLY A 320 -35.06 -30.12 5.08
CA GLY A 320 -34.62 -31.41 4.58
C GLY A 320 -34.02 -32.27 5.67
N ALA A 321 -32.90 -32.92 5.35
CA ALA A 321 -32.29 -33.89 6.26
C ALA A 321 -31.81 -33.23 7.55
N PHE A 322 -31.40 -31.98 7.48
CA PHE A 322 -31.01 -31.24 8.68
C PHE A 322 -32.16 -31.22 9.67
N THR A 323 -31.94 -31.77 10.86
CA THR A 323 -32.97 -31.88 11.89
C THR A 323 -32.81 -30.76 12.91
N SER A 324 -33.80 -30.66 13.81
CA SER A 324 -33.79 -29.62 14.84
C SER A 324 -32.56 -29.76 15.74
N LYS A 325 -32.22 -30.99 16.14
CA LYS A 325 -31.02 -31.23 16.93
C LYS A 325 -29.77 -30.72 16.23
N ASP A 326 -29.68 -30.94 14.92
CA ASP A 326 -28.55 -30.43 14.16
C ASP A 326 -28.48 -28.91 14.25
N THR A 327 -29.62 -28.24 14.06
CA THR A 327 -29.65 -26.79 14.25
C THR A 327 -29.16 -26.43 15.64
N LEU A 328 -29.55 -27.20 16.65
CA LEU A 328 -29.14 -26.90 18.02
C LEU A 328 -27.63 -26.90 18.15
N ILE A 329 -27.00 -28.02 17.79
CA ILE A 329 -25.55 -28.16 17.97
C ILE A 329 -24.81 -27.13 17.11
N THR A 330 -25.25 -26.96 15.86
CA THR A 330 -24.63 -25.96 14.99
C THR A 330 -24.71 -24.56 15.61
N SER A 331 -25.87 -24.22 16.16
CA SER A 331 -26.03 -22.94 16.82
C SER A 331 -25.01 -22.79 17.94
N LYS A 332 -24.89 -23.82 18.78
CA LYS A 332 -23.92 -23.77 19.87
C LYS A 332 -22.53 -23.46 19.33
N ILE A 333 -22.11 -24.18 18.29
CA ILE A 333 -20.77 -23.98 17.74
C ILE A 333 -20.61 -22.55 17.26
N LEU A 334 -21.60 -22.05 16.52
CA LEU A 334 -21.52 -20.68 16.05
C LEU A 334 -21.33 -19.73 17.22
N ILE A 335 -22.05 -19.96 18.31
CA ILE A 335 -21.96 -19.08 19.48
C ILE A 335 -20.53 -19.07 20.00
N ALA A 336 -19.98 -20.26 20.21
CA ALA A 336 -18.64 -20.39 20.78
C ALA A 336 -17.64 -19.65 19.91
N TYR A 337 -17.72 -19.86 18.60
CA TYR A 337 -16.80 -19.18 17.71
C TYR A 337 -17.02 -17.68 17.71
N THR A 338 -18.28 -17.26 17.74
CA THR A 338 -18.62 -15.84 17.66
C THR A 338 -17.99 -15.06 18.81
N LEU A 339 -17.91 -15.69 19.98
CA LEU A 339 -17.37 -14.98 21.14
C LEU A 339 -16.08 -14.24 20.80
N GLY A 340 -15.31 -14.76 19.82
CA GLY A 340 -14.01 -14.20 19.52
C GLY A 340 -14.02 -12.95 18.66
N LEU A 341 -15.04 -12.81 17.80
CA LEU A 341 -15.11 -11.72 16.83
C LEU A 341 -14.57 -10.39 17.34
N PRO A 342 -15.11 -9.80 18.43
CA PRO A 342 -14.58 -8.51 18.86
C PRO A 342 -13.06 -8.55 19.07
N PHE A 343 -12.58 -9.57 19.80
CA PHE A 343 -11.15 -9.71 20.09
C PHE A 343 -10.32 -9.74 18.81
N TYR A 344 -10.63 -10.66 17.90
CA TYR A 344 -9.83 -10.78 16.67
C TYR A 344 -9.90 -9.52 15.83
N GLY A 345 -11.06 -8.87 15.81
CA GLY A 345 -11.15 -7.62 15.09
C GLY A 345 -10.10 -6.64 15.60
N ILE A 346 -10.04 -6.50 16.93
CA ILE A 346 -9.00 -5.66 17.55
C ILE A 346 -7.63 -6.14 17.08
N TYR A 347 -7.41 -7.46 17.15
CA TYR A 347 -6.12 -8.05 16.79
C TYR A 347 -5.72 -7.65 15.36
N SER A 348 -6.67 -7.74 14.43
CA SER A 348 -6.41 -7.42 13.03
C SER A 348 -6.06 -5.95 12.87
N THR A 349 -6.80 -5.08 13.56
CA THR A 349 -6.51 -3.64 13.48
C THR A 349 -5.09 -3.35 13.94
N ILE A 350 -4.72 -3.82 15.12
CA ILE A 350 -3.39 -3.57 15.64
C ILE A 350 -2.33 -4.12 14.69
N SER A 351 -2.50 -5.38 14.26
CA SER A 351 -1.54 -6.01 13.36
C SER A 351 -1.35 -5.20 12.08
N ARG A 352 -2.45 -4.84 11.43
CA ARG A 352 -2.42 -3.92 10.31
C ARG A 352 -1.52 -2.71 10.61
N SER A 353 -1.81 -2.01 11.71
CA SER A 353 -1.05 -0.80 12.02
C SER A 353 0.45 -1.09 12.06
N TYR A 354 0.82 -2.11 12.82
CA TYR A 354 2.24 -2.47 12.94
C TYR A 354 2.85 -2.69 11.56
N HIS A 355 2.17 -3.46 10.71
CA HIS A 355 2.70 -3.66 9.36
C HIS A 355 2.80 -2.34 8.62
N ALA A 356 1.85 -1.44 8.85
CA ALA A 356 1.84 -0.15 8.16
C ALA A 356 3.08 0.65 8.47
N ILE A 357 3.60 0.53 9.69
CA ILE A 357 4.86 1.19 10.05
C ILE A 357 6.07 0.27 9.88
N LYS A 358 5.90 -0.85 9.16
CA LYS A 358 7.02 -1.74 8.82
C LYS A 358 7.55 -2.49 10.04
N ASN A 359 6.68 -2.89 10.95
CA ASN A 359 7.09 -3.63 12.16
C ASN A 359 6.63 -5.08 12.04
N THR A 360 7.55 -5.97 11.68
CA THR A 360 7.24 -7.37 11.46
C THR A 360 7.30 -8.20 12.74
N LYS A 361 8.25 -7.90 13.63
CA LYS A 361 8.53 -8.75 14.77
C LYS A 361 7.29 -8.95 15.64
N THR A 362 6.69 -7.85 16.09
CA THR A 362 5.55 -7.94 17.00
C THR A 362 4.37 -8.66 16.38
N PRO A 363 3.89 -8.31 15.19
CA PRO A 363 2.84 -9.12 14.56
C PRO A 363 3.20 -10.59 14.42
N PHE A 364 4.45 -10.90 14.07
CA PHE A 364 4.83 -12.30 13.95
C PHE A 364 4.66 -13.02 15.28
N ILE A 365 5.14 -12.40 16.37
CA ILE A 365 5.04 -13.05 17.67
C ILE A 365 3.59 -13.17 18.10
N ALA A 366 2.75 -12.18 17.75
CA ALA A 366 1.33 -12.27 18.04
C ALA A 366 0.70 -13.46 17.32
N ALA A 367 0.97 -13.59 16.02
CA ALA A 367 0.41 -14.70 15.27
C ALA A 367 0.91 -16.03 15.82
N THR A 368 2.17 -16.09 16.22
CA THR A 368 2.71 -17.33 16.77
C THR A 368 2.00 -17.71 18.06
N ILE A 369 1.80 -16.72 18.94
CA ILE A 369 1.06 -16.94 20.17
C ILE A 369 -0.35 -17.47 19.86
N VAL A 370 -1.07 -16.78 18.99
CA VAL A 370 -2.43 -17.19 18.68
C VAL A 370 -2.45 -18.61 18.15
N SER A 371 -1.54 -18.95 17.25
CA SER A 371 -1.52 -20.29 16.66
C SER A 371 -1.24 -21.35 17.73
N LEU A 372 -0.22 -21.13 18.57
CA LEU A 372 0.14 -22.17 19.52
C LEU A 372 -0.92 -22.30 20.61
N SER A 373 -1.46 -21.19 21.12
CA SER A 373 -2.54 -21.29 22.07
C SER A 373 -3.73 -22.01 21.45
N ASN A 374 -4.06 -21.70 20.20
CA ASN A 374 -5.19 -22.36 19.57
C ASN A 374 -4.96 -23.86 19.47
N ILE A 375 -3.75 -24.28 19.09
CA ILE A 375 -3.49 -25.71 18.99
C ILE A 375 -3.64 -26.38 20.34
N ILE A 376 -3.01 -25.81 21.38
CA ILE A 376 -3.07 -26.43 22.70
C ILE A 376 -4.50 -26.49 23.19
N LEU A 377 -5.24 -25.39 23.02
CA LEU A 377 -6.61 -25.36 23.48
C LEU A 377 -7.50 -26.32 22.69
N ASP A 378 -7.22 -26.50 21.40
CA ASP A 378 -7.93 -27.54 20.67
C ASP A 378 -7.72 -28.87 21.34
N ILE A 379 -6.47 -29.23 21.63
CA ILE A 379 -6.24 -30.53 22.26
C ILE A 379 -7.04 -30.62 23.55
N ILE A 380 -6.98 -29.58 24.37
CA ILE A 380 -7.63 -29.61 25.67
C ILE A 380 -9.14 -29.76 25.52
N PHE A 381 -9.77 -28.81 24.84
CA PHE A 381 -11.21 -28.71 24.75
C PHE A 381 -11.81 -29.58 23.64
N GLY A 382 -11.34 -29.43 22.41
CA GLY A 382 -11.96 -30.13 21.30
C GLY A 382 -11.93 -31.64 21.42
N LEU A 383 -10.82 -32.20 21.93
CA LEU A 383 -10.75 -33.65 22.08
C LEU A 383 -11.82 -34.17 23.02
N LYS A 384 -12.12 -33.40 24.07
CA LYS A 384 -13.22 -33.76 24.95
C LYS A 384 -14.57 -33.48 24.27
N TYR A 385 -14.83 -32.22 23.93
CA TYR A 385 -16.16 -31.72 23.58
C TYR A 385 -16.38 -31.54 22.08
N GLY A 386 -15.39 -31.78 21.23
CA GLY A 386 -15.59 -31.78 19.79
C GLY A 386 -15.79 -30.39 19.20
N PRO A 387 -16.60 -30.31 18.12
CA PRO A 387 -16.73 -29.03 17.38
C PRO A 387 -16.88 -27.81 18.25
N ILE A 388 -17.84 -27.83 19.19
CA ILE A 388 -18.01 -26.68 20.07
C ILE A 388 -16.73 -26.41 20.83
N GLY A 389 -16.04 -27.47 21.25
CA GLY A 389 -14.77 -27.30 21.94
C GLY A 389 -13.75 -26.61 21.07
N VAL A 390 -13.65 -27.02 19.80
CA VAL A 390 -12.66 -26.42 18.91
C VAL A 390 -12.99 -24.95 18.64
N ALA A 391 -14.26 -24.63 18.46
CA ALA A 391 -14.64 -23.24 18.22
C ALA A 391 -14.31 -22.37 19.44
N LEU A 392 -14.66 -22.86 20.63
CA LEU A 392 -14.31 -22.16 21.86
C LEU A 392 -12.80 -21.96 21.96
N ALA A 393 -12.05 -23.02 21.71
CA ALA A 393 -10.59 -22.94 21.75
C ALA A 393 -10.09 -21.83 20.84
N THR A 394 -10.60 -21.81 19.60
CA THR A 394 -10.25 -20.76 18.63
C THR A 394 -10.51 -19.37 19.20
N SER A 395 -11.71 -19.16 19.75
CA SER A 395 -12.05 -17.85 20.31
C SER A 395 -11.12 -17.45 21.45
N ILE A 396 -10.88 -18.36 22.38
CA ILE A 396 -10.01 -18.04 23.51
C ILE A 396 -8.60 -17.68 23.02
N ALA A 397 -8.09 -18.44 22.03
CA ALA A 397 -6.79 -18.11 21.45
C ALA A 397 -6.79 -16.68 20.92
N GLY A 398 -7.88 -16.28 20.28
CA GLY A 398 -8.03 -14.88 19.91
C GLY A 398 -7.81 -13.96 21.09
N ILE A 399 -8.46 -14.27 22.22
CA ILE A 399 -8.32 -13.44 23.42
C ILE A 399 -6.85 -13.29 23.80
N ILE A 400 -6.16 -14.43 23.97
CA ILE A 400 -4.76 -14.41 24.39
C ILE A 400 -3.95 -13.50 23.47
N GLY A 401 -4.13 -13.68 22.16
CA GLY A 401 -3.46 -12.80 21.21
C GLY A 401 -3.70 -11.34 21.51
N VAL A 402 -4.96 -10.97 21.70
CA VAL A 402 -5.27 -9.57 21.99
C VAL A 402 -4.55 -9.13 23.25
N LEU A 403 -4.40 -10.02 24.22
CA LEU A 403 -3.70 -9.63 25.44
C LEU A 403 -2.27 -9.20 25.12
N TYR A 404 -1.55 -10.06 24.38
CA TYR A 404 -0.17 -9.69 24.02
C TYR A 404 -0.14 -8.38 23.25
N LEU A 405 -1.01 -8.24 22.25
CA LEU A 405 -0.96 -7.03 21.42
C LEU A 405 -1.26 -5.78 22.24
N LEU A 406 -2.36 -5.80 23.00
CA LEU A 406 -2.73 -4.63 23.80
C LEU A 406 -1.60 -4.24 24.75
N PHE A 407 -1.02 -5.23 25.44
CA PHE A 407 0.07 -4.88 26.34
C PHE A 407 1.27 -4.32 25.59
N SER A 408 1.43 -4.68 24.31
CA SER A 408 2.51 -4.10 23.53
C SER A 408 2.21 -2.65 23.16
N VAL A 409 1.08 -2.40 22.51
CA VAL A 409 0.78 -1.05 22.02
C VAL A 409 0.51 -0.09 23.17
N LYS A 410 -0.09 -0.57 24.26
CA LYS A 410 -0.37 0.24 25.44
C LYS A 410 -1.31 1.40 25.12
N THR A 411 -2.23 1.22 24.19
CA THR A 411 -3.23 2.25 23.88
C THR A 411 -4.57 1.58 23.57
N PHE A 412 -5.66 2.23 23.97
CA PHE A 412 -7.00 1.71 23.77
C PHE A 412 -8.01 2.81 24.06
N PRO A 413 -9.01 3.05 23.19
CA PRO A 413 -10.04 4.07 23.51
C PRO A 413 -11.10 3.52 24.47
N ILE A 414 -10.72 3.38 25.74
CA ILE A 414 -11.57 2.70 26.70
C ILE A 414 -12.89 3.45 26.89
N LYS A 415 -12.84 4.78 26.89
CA LYS A 415 -14.06 5.57 27.04
C LYS A 415 -15.04 5.27 25.90
N ASP A 416 -14.60 5.52 24.67
CA ASP A 416 -15.44 5.25 23.51
C ASP A 416 -15.88 3.78 23.49
N PHE A 417 -15.00 2.88 23.90
CA PHE A 417 -15.36 1.46 23.99
C PHE A 417 -16.57 1.27 24.90
N LEU A 418 -16.50 1.78 26.13
CA LEU A 418 -17.60 1.62 27.08
C LEU A 418 -18.90 2.19 26.53
N LYS A 419 -18.84 3.38 25.93
CA LYS A 419 -20.02 3.95 25.30
C LYS A 419 -20.64 2.97 24.30
N ILE A 420 -19.81 2.52 23.34
CA ILE A 420 -20.24 1.52 22.37
C ILE A 420 -20.91 0.34 23.06
N SER A 421 -20.25 -0.19 24.09
CA SER A 421 -20.72 -1.41 24.74
C SER A 421 -22.12 -1.22 25.30
N LEU A 422 -22.30 -0.15 26.09
CA LEU A 422 -23.62 0.18 26.64
C LEU A 422 -24.68 0.20 25.54
N ASN A 423 -24.39 0.91 24.45
CA ASN A 423 -25.33 0.91 23.32
C ASN A 423 -25.69 -0.50 22.90
N SER A 424 -24.66 -1.34 22.70
CA SER A 424 -24.90 -2.72 22.29
C SER A 424 -25.82 -3.43 23.28
N LEU A 425 -25.60 -3.21 24.56
CA LEU A 425 -26.39 -3.91 25.59
C LEU A 425 -27.86 -3.50 25.52
N ILE A 426 -28.12 -2.19 25.43
CA ILE A 426 -29.52 -1.75 25.42
C ILE A 426 -30.22 -2.29 24.19
N MET A 427 -29.52 -2.32 23.05
CA MET A 427 -30.05 -2.97 21.86
C MET A 427 -30.43 -4.42 22.17
N LEU A 428 -29.51 -5.16 22.77
CA LEU A 428 -29.77 -6.54 23.14
C LEU A 428 -31.06 -6.64 23.94
N PHE A 429 -31.25 -5.74 24.90
CA PHE A 429 -32.45 -5.75 25.72
C PHE A 429 -33.71 -5.63 24.86
N VAL A 430 -33.73 -4.64 23.98
CA VAL A 430 -34.88 -4.47 23.08
C VAL A 430 -35.15 -5.77 22.33
N ILE A 431 -34.11 -6.37 21.77
CA ILE A 431 -34.29 -7.61 21.00
C ILE A 431 -34.84 -8.71 21.89
N TYR A 432 -34.33 -8.81 23.12
CA TYR A 432 -34.84 -9.80 24.06
C TYR A 432 -36.35 -9.67 24.19
N LEU A 433 -36.83 -8.44 24.36
CA LEU A 433 -38.28 -8.25 24.45
C LEU A 433 -38.98 -8.70 23.17
N THR A 434 -38.41 -8.33 22.01
CA THR A 434 -39.08 -8.63 20.75
C THR A 434 -39.09 -10.12 20.41
N ASP A 435 -38.23 -10.93 21.03
CA ASP A 435 -38.06 -12.31 20.59
C ASP A 435 -39.16 -13.26 21.07
N PHE A 436 -40.09 -12.81 21.92
CA PHE A 436 -41.11 -13.71 22.46
C PHE A 436 -41.94 -14.36 21.34
N THR A 437 -42.29 -13.59 20.31
CA THR A 437 -43.05 -14.14 19.20
C THR A 437 -42.22 -15.18 18.46
N ASP A 438 -42.86 -16.27 18.04
CA ASP A 438 -42.17 -17.48 17.62
C ASP A 438 -42.21 -17.71 16.11
N ASN A 439 -42.46 -16.67 15.31
CA ASN A 439 -42.49 -16.84 13.86
C ASN A 439 -41.13 -17.31 13.35
N GLU A 440 -41.16 -18.15 12.31
CA GLU A 440 -39.92 -18.69 11.75
C GLU A 440 -39.09 -17.59 11.09
N PHE A 441 -39.71 -16.77 10.24
CA PHE A 441 -39.03 -15.71 9.53
C PHE A 441 -38.94 -14.42 10.34
N TRP A 442 -39.31 -14.44 11.62
CA TRP A 442 -39.34 -13.23 12.43
C TRP A 442 -37.96 -12.60 12.55
N PHE A 443 -36.90 -13.40 12.46
CA PHE A 443 -35.57 -12.93 12.85
C PHE A 443 -35.01 -11.89 11.88
N LEU A 444 -35.35 -11.96 10.60
CA LEU A 444 -34.95 -10.91 9.66
C LEU A 444 -35.44 -9.55 10.14
N ILE A 445 -36.73 -9.47 10.48
CA ILE A 445 -37.31 -8.25 11.03
C ILE A 445 -36.58 -7.86 12.31
N GLN A 446 -36.31 -8.84 13.17
CA GLN A 446 -35.57 -8.55 14.39
C GLN A 446 -34.24 -7.87 14.09
N ILE A 447 -33.55 -8.31 13.04
CA ILE A 447 -32.24 -7.76 12.74
C ILE A 447 -32.37 -6.34 12.22
N LEU A 448 -33.32 -6.10 11.32
CA LEU A 448 -33.55 -4.74 10.86
C LEU A 448 -33.82 -3.82 12.05
N ILE A 449 -34.77 -4.22 12.90
CA ILE A 449 -35.09 -3.48 14.11
C ILE A 449 -33.81 -3.21 14.90
N GLY A 450 -33.02 -4.25 15.13
CA GLY A 450 -31.85 -4.11 15.99
C GLY A 450 -30.84 -3.12 15.44
N ILE A 451 -30.59 -3.20 14.13
CA ILE A 451 -29.73 -2.21 13.50
C ILE A 451 -30.26 -0.83 13.80
N LEU A 452 -31.57 -0.62 13.64
CA LEU A 452 -32.09 0.73 13.83
C LEU A 452 -32.00 1.14 15.29
N VAL A 453 -32.21 0.21 16.22
CA VAL A 453 -32.10 0.51 17.65
C VAL A 453 -30.69 1.00 17.97
N TYR A 454 -29.69 0.20 17.59
CA TYR A 454 -28.32 0.57 17.86
C TYR A 454 -27.97 1.90 17.19
N LEU A 455 -28.41 2.09 15.96
CA LEU A 455 -28.07 3.32 15.25
C LEU A 455 -28.76 4.51 15.90
N ILE A 456 -29.96 4.33 16.42
CA ILE A 456 -30.67 5.44 17.07
C ILE A 456 -29.95 5.86 18.35
N PHE A 457 -29.67 4.90 19.23
CA PHE A 457 -28.99 5.26 20.47
C PHE A 457 -27.59 5.81 20.20
N SER A 458 -26.85 5.19 19.28
CA SER A 458 -25.54 5.71 18.91
C SER A 458 -25.66 7.12 18.33
N SER A 459 -26.69 7.37 17.51
CA SER A 459 -26.89 8.69 16.95
C SER A 459 -27.14 9.71 18.05
N ILE A 460 -27.86 9.29 19.10
CA ILE A 460 -28.06 10.16 20.25
C ILE A 460 -26.73 10.48 20.92
N PHE A 461 -25.86 9.48 21.05
CA PHE A 461 -24.64 9.69 21.82
C PHE A 461 -23.61 10.53 21.07
N TYR A 462 -23.49 10.35 19.75
CA TYR A 462 -22.47 11.02 18.96
C TYR A 462 -23.09 12.03 18.00
N ARG A 463 -22.60 13.26 18.04
CA ARG A 463 -23.17 14.34 17.24
C ARG A 463 -23.28 13.95 15.77
N ASP A 464 -22.19 13.44 15.19
CA ASP A 464 -22.16 12.98 13.80
C ASP A 464 -21.94 11.48 13.79
N LEU A 465 -22.98 10.73 13.43
CA LEU A 465 -22.88 9.27 13.37
C LEU A 465 -21.89 8.85 12.29
N ILE A 466 -22.08 9.36 11.07
CA ILE A 466 -21.21 8.98 9.95
C ILE A 466 -19.78 9.44 10.22
N ARG A 467 -19.61 10.68 10.70
CA ARG A 467 -18.28 11.26 10.81
C ARG A 467 -17.40 10.46 11.77
N ARG A 468 -17.93 10.11 12.94
CA ARG A 468 -17.11 9.52 13.99
C ARG A 468 -16.50 8.19 13.55
N PHE A 469 -17.32 7.28 13.05
CA PHE A 469 -16.89 5.93 12.71
C PHE A 469 -16.96 5.64 11.22
N LEU A 470 -18.11 5.87 10.57
CA LEU A 470 -18.22 5.61 9.14
C LEU A 470 -17.16 6.37 8.36
N TYR A 471 -16.90 7.62 8.74
CA TYR A 471 -15.86 8.47 8.12
C TYR A 471 -15.79 8.31 6.60
N SER B 6 -7.07 26.20 18.28
CA SER B 6 -5.79 25.62 17.86
C SER B 6 -5.89 24.99 16.47
N SER B 7 -7.09 24.57 16.07
CA SER B 7 -7.28 24.00 14.74
C SER B 7 -6.90 25.00 13.65
N ILE B 8 -7.53 26.18 13.69
CA ILE B 8 -7.26 27.22 12.69
C ILE B 8 -5.79 27.60 12.69
N LEU B 9 -5.19 27.72 13.88
CA LEU B 9 -3.78 28.09 13.96
C LEU B 9 -2.89 27.06 13.29
N PHE B 10 -3.12 25.77 13.58
CA PHE B 10 -2.33 24.72 12.94
C PHE B 10 -2.48 24.77 11.42
N SER B 11 -3.71 24.93 10.92
CA SER B 11 -3.93 25.01 9.47
C SER B 11 -3.13 26.15 8.84
N ILE B 12 -3.28 27.36 9.40
CA ILE B 12 -2.55 28.53 8.90
C ILE B 12 -1.06 28.25 8.87
N ALA B 13 -0.52 27.76 9.98
CA ALA B 13 0.90 27.47 10.05
C ALA B 13 1.31 26.47 8.97
N THR B 14 0.49 25.45 8.72
CA THR B 14 0.79 24.49 7.67
C THR B 14 0.95 25.19 6.33
N PHE B 15 -0.03 25.99 5.95
CA PHE B 15 0.04 26.71 4.69
C PHE B 15 1.32 27.55 4.60
N PHE B 16 1.59 28.35 5.62
CA PHE B 16 2.77 29.20 5.59
C PHE B 16 4.05 28.38 5.48
N SER B 17 4.11 27.24 6.16
CA SER B 17 5.25 26.34 6.00
C SER B 17 5.42 25.97 4.53
N ARG B 18 4.32 25.62 3.88
CA ARG B 18 4.42 25.23 2.48
C ARG B 18 4.99 26.36 1.63
N ILE B 19 4.66 27.61 1.95
CA ILE B 19 5.12 28.74 1.14
C ILE B 19 6.53 29.21 1.48
N LEU B 20 7.07 28.80 2.62
CA LEU B 20 8.36 29.33 3.04
C LEU B 20 9.45 29.09 2.00
N GLY B 21 9.46 27.92 1.35
CA GLY B 21 10.47 27.69 0.33
C GLY B 21 10.44 28.78 -0.73
N LEU B 22 9.25 29.06 -1.27
CA LEU B 22 9.11 30.09 -2.29
C LEU B 22 9.56 31.45 -1.77
N PHE B 23 9.14 31.80 -0.56
CA PHE B 23 9.52 33.11 -0.01
C PHE B 23 11.03 33.23 0.10
N ARG B 24 11.69 32.16 0.58
CA ARG B 24 13.14 32.13 0.67
C ARG B 24 13.78 32.37 -0.68
N ASP B 25 13.30 31.65 -1.72
CA ASP B 25 13.87 31.82 -3.05
C ASP B 25 13.67 33.25 -3.56
N VAL B 26 12.49 33.82 -3.32
CA VAL B 26 12.22 35.18 -3.78
C VAL B 26 13.18 36.15 -3.13
N LEU B 27 13.41 36.00 -1.82
CA LEU B 27 14.30 36.95 -1.16
C LEU B 27 15.74 36.76 -1.60
N PHE B 28 16.15 35.52 -1.89
CA PHE B 28 17.43 35.33 -2.57
C PHE B 28 17.47 36.14 -3.85
N ALA B 29 16.44 36.00 -4.68
CA ALA B 29 16.43 36.72 -5.95
C ALA B 29 16.60 38.22 -5.73
N LYS B 30 15.83 38.76 -4.79
CA LYS B 30 15.83 40.20 -4.57
C LYS B 30 17.16 40.68 -3.99
N TYR B 31 17.62 40.05 -2.92
CA TYR B 31 18.80 40.57 -2.23
C TYR B 31 20.11 40.21 -2.93
N PHE B 32 20.19 39.08 -3.61
CA PHE B 32 21.44 38.65 -4.24
C PHE B 32 21.39 38.56 -5.75
N GLY B 33 20.20 38.45 -6.36
CA GLY B 33 20.14 38.24 -7.79
C GLY B 33 20.80 36.91 -8.12
N VAL B 34 21.59 36.92 -9.20
CA VAL B 34 22.40 35.79 -9.62
C VAL B 34 23.84 36.26 -9.58
N SER B 35 24.64 35.72 -8.68
CA SER B 35 26.01 36.20 -8.47
C SER B 35 26.87 35.08 -7.94
N TYR B 36 28.18 35.33 -7.91
CA TYR B 36 29.13 34.30 -7.52
C TYR B 36 29.04 34.00 -6.03
N GLU B 37 28.64 34.98 -5.22
CA GLU B 37 28.48 34.72 -3.79
C GLU B 37 27.35 33.72 -3.55
N LEU B 38 26.26 33.83 -4.29
CA LEU B 38 25.17 32.88 -4.13
C LEU B 38 25.54 31.52 -4.69
N ASP B 39 26.35 31.49 -5.76
CA ASP B 39 26.94 30.23 -6.19
C ASP B 39 27.70 29.56 -5.06
N ALA B 40 28.55 30.34 -4.39
CA ALA B 40 29.32 29.81 -3.27
C ALA B 40 28.40 29.33 -2.16
N TYR B 41 27.29 30.03 -1.95
CA TYR B 41 26.33 29.62 -0.92
C TYR B 41 25.72 28.26 -1.26
N PHE B 42 25.31 28.10 -2.52
CA PHE B 42 24.70 26.84 -2.93
C PHE B 42 25.70 25.69 -2.84
N ILE B 43 26.95 25.92 -3.24
CA ILE B 43 27.98 24.90 -3.03
C ILE B 43 28.12 24.59 -1.55
N ALA B 44 28.22 25.62 -0.71
CA ALA B 44 28.46 25.42 0.71
C ALA B 44 27.36 24.60 1.37
N ILE B 45 26.09 24.95 1.10
CA ILE B 45 25.01 24.22 1.73
C ILE B 45 24.81 22.86 1.10
N MET B 46 25.30 22.63 -0.12
CA MET B 46 25.06 21.33 -0.75
C MET B 46 25.64 20.18 0.09
N PHE B 47 26.70 20.45 0.86
CA PHE B 47 27.31 19.37 1.64
C PHE B 47 26.40 18.88 2.75
N PRO B 48 25.99 19.71 3.71
CA PRO B 48 25.03 19.22 4.71
C PRO B 48 23.74 18.75 4.08
N PHE B 49 23.36 19.20 2.88
CA PHE B 49 22.12 18.68 2.29
C PHE B 49 22.27 17.23 1.83
N PHE B 50 23.35 16.92 1.12
CA PHE B 50 23.69 15.54 0.80
C PHE B 50 23.75 14.67 2.05
N LEU B 51 24.57 15.07 3.02
CA LEU B 51 24.65 14.30 4.26
C LEU B 51 23.30 14.19 4.95
N ARG B 52 22.44 15.21 4.81
CA ARG B 52 21.09 15.13 5.35
C ARG B 52 20.33 14.00 4.69
N LYS B 53 20.42 13.95 3.36
CA LYS B 53 19.76 12.88 2.62
C LYS B 53 20.19 11.51 3.13
N VAL B 54 21.43 11.41 3.62
CA VAL B 54 21.86 10.15 4.23
C VAL B 54 21.28 9.99 5.64
N PHE B 55 21.46 10.99 6.51
CA PHE B 55 21.15 10.88 7.93
C PHE B 55 19.82 11.51 8.32
N GLY B 56 19.03 12.00 7.37
CA GLY B 56 17.87 12.81 7.69
C GLY B 56 16.66 12.02 8.14
N GLU B 57 15.60 12.76 8.43
CA GLU B 57 14.36 12.15 8.93
C GLU B 57 13.90 11.00 8.05
N GLY B 58 13.88 11.23 6.73
CA GLY B 58 13.45 10.17 5.83
C GLY B 58 14.19 8.87 6.07
N ALA B 59 15.51 8.94 6.14
CA ALA B 59 16.31 7.73 6.31
C ALA B 59 16.05 7.07 7.66
N MET B 60 15.98 7.86 8.72
CA MET B 60 15.72 7.28 10.03
C MET B 60 14.36 6.58 10.03
N SER B 61 13.34 7.21 9.45
CA SER B 61 12.03 6.58 9.39
C SER B 61 12.05 5.33 8.51
N SER B 62 12.95 5.29 7.52
CA SER B 62 13.03 4.13 6.65
C SER B 62 13.67 2.95 7.38
N ALA B 63 14.76 3.19 8.09
CA ALA B 63 15.58 2.12 8.65
C ALA B 63 15.50 2.05 10.16
N PHE B 64 15.88 3.12 10.84
CA PHE B 64 16.04 3.07 12.28
C PHE B 64 14.71 2.87 12.98
N VAL B 65 13.71 3.68 12.64
CA VAL B 65 12.46 3.71 13.41
C VAL B 65 11.82 2.33 13.49
N PRO B 66 11.71 1.56 12.42
CA PRO B 66 11.13 0.21 12.58
C PRO B 66 11.87 -0.64 13.61
N LEU B 67 13.20 -0.72 13.53
CA LEU B 67 13.95 -1.49 14.51
C LEU B 67 13.72 -0.93 15.91
N TYR B 68 13.81 0.39 16.05
CA TYR B 68 13.52 1.00 17.35
C TYR B 68 12.13 0.64 17.84
N SER B 69 11.18 0.45 16.92
CA SER B 69 9.82 0.09 17.31
C SER B 69 9.76 -1.33 17.83
N GLU B 70 10.46 -2.25 17.18
CA GLU B 70 10.44 -3.65 17.61
C GLU B 70 10.78 -3.78 19.09
N LYS B 71 11.87 -3.13 19.53
CA LYS B 71 12.41 -3.35 20.86
C LYS B 71 11.51 -2.72 21.93
N SER B 72 11.93 -2.81 23.19
CA SER B 72 11.16 -2.27 24.30
C SER B 72 12.04 -2.13 25.54
N GLY B 73 11.69 -1.19 26.40
CA GLY B 73 12.34 -1.05 27.69
C GLY B 73 13.78 -0.59 27.59
N GLU B 74 14.65 -1.19 28.41
CA GLU B 74 16.06 -0.85 28.39
C GLU B 74 16.67 -1.08 27.00
N GLU B 75 16.26 -2.16 26.33
CA GLU B 75 16.78 -2.46 25.01
C GLU B 75 16.58 -1.29 24.05
N LYS B 76 15.37 -0.71 24.06
CA LYS B 76 15.08 0.46 23.23
C LYS B 76 16.07 1.60 23.47
N ASP B 77 16.22 2.00 24.74
CA ASP B 77 17.04 3.15 25.05
C ASP B 77 18.50 2.89 24.73
N LYS B 78 18.98 1.69 25.03
CA LYS B 78 20.38 1.36 24.72
C LYS B 78 20.61 1.37 23.21
N PHE B 79 19.64 0.87 22.44
CA PHE B 79 19.77 0.89 20.97
C PHE B 79 19.80 2.32 20.44
N LEU B 80 18.84 3.14 20.87
CA LEU B 80 18.82 4.55 20.49
C LEU B 80 20.14 5.23 20.84
N SER B 81 20.57 5.09 22.08
CA SER B 81 21.83 5.70 22.50
C SER B 81 22.99 5.21 21.63
N SER B 82 23.01 3.92 21.29
CA SER B 82 24.08 3.38 20.46
C SER B 82 24.09 4.03 19.09
N VAL B 83 22.91 4.19 18.47
CA VAL B 83 22.83 4.79 17.15
C VAL B 83 23.27 6.25 17.21
N ILE B 84 22.70 7.00 18.16
CA ILE B 84 23.11 8.40 18.29
C ILE B 84 24.63 8.48 18.48
N ASN B 85 25.18 7.63 19.34
CA ASN B 85 26.60 7.68 19.66
C ASN B 85 27.46 7.42 18.44
N GLY B 86 27.22 6.28 17.78
CA GLY B 86 27.98 5.95 16.60
C GLY B 86 27.89 7.02 15.53
N PHE B 87 26.67 7.42 15.20
CA PHE B 87 26.49 8.40 14.13
C PHE B 87 27.07 9.76 14.52
N SER B 88 27.10 10.09 15.81
CA SER B 88 27.75 11.33 16.25
C SER B 88 29.25 11.27 15.99
N LEU B 89 29.86 10.11 16.27
CA LEU B 89 31.28 9.95 15.95
C LEU B 89 31.52 10.06 14.45
N ILE B 90 30.67 9.42 13.66
CA ILE B 90 30.77 9.52 12.20
C ILE B 90 30.74 10.99 11.76
N ILE B 91 29.72 11.71 12.22
CA ILE B 91 29.57 13.11 11.86
C ILE B 91 30.77 13.93 12.30
N LEU B 92 31.32 13.63 13.49
CA LEU B 92 32.52 14.32 13.94
C LEU B 92 33.66 14.12 12.96
N ALA B 93 33.89 12.86 12.56
CA ALA B 93 34.94 12.55 11.58
C ALA B 93 34.70 13.33 10.29
N LEU B 94 33.47 13.32 9.79
CA LEU B 94 33.14 13.99 8.54
C LEU B 94 33.40 15.50 8.63
N VAL B 95 32.94 16.12 9.71
CA VAL B 95 33.15 17.55 9.92
C VAL B 95 34.64 17.88 9.90
N ILE B 96 35.41 17.15 10.72
CA ILE B 96 36.85 17.39 10.77
C ILE B 96 37.46 17.27 9.39
N LEU B 97 37.15 16.17 8.69
CA LEU B 97 37.68 15.97 7.34
C LEU B 97 37.35 17.16 6.44
N SER B 98 36.13 17.70 6.57
CA SER B 98 35.74 18.82 5.72
C SER B 98 36.58 20.06 6.04
N TYR B 99 36.84 20.30 7.32
CA TYR B 99 37.70 21.43 7.69
C TYR B 99 39.12 21.25 7.16
N PHE B 100 39.60 20.00 7.11
CA PHE B 100 40.96 19.75 6.64
C PHE B 100 41.06 19.61 5.12
N PHE B 101 40.05 19.04 4.45
CA PHE B 101 40.09 18.81 3.01
C PHE B 101 38.89 19.46 2.33
N PRO B 102 38.73 20.77 2.44
CA PRO B 102 37.53 21.40 1.88
C PRO B 102 37.53 21.43 0.36
N GLU B 103 38.67 21.75 -0.26
CA GLU B 103 38.70 21.87 -1.71
C GLU B 103 38.17 20.60 -2.36
N LEU B 104 38.39 19.44 -1.74
CA LEU B 104 37.88 18.18 -2.29
C LEU B 104 36.36 18.20 -2.38
N ILE B 105 35.70 18.43 -1.25
CA ILE B 105 34.24 18.59 -1.22
C ILE B 105 33.80 19.57 -2.31
N ILE B 106 34.35 20.78 -2.27
CA ILE B 106 33.90 21.82 -3.19
C ILE B 106 34.04 21.36 -4.63
N ASN B 107 35.13 20.69 -4.95
CA ASN B 107 35.28 20.16 -6.29
C ASN B 107 34.16 19.19 -6.61
N LEU B 108 33.79 18.34 -5.65
CA LEU B 108 32.71 17.40 -5.89
C LEU B 108 31.42 18.13 -6.27
N PHE B 109 31.10 19.21 -5.54
CA PHE B 109 29.82 19.89 -5.79
C PHE B 109 29.91 21.04 -6.79
N GLY B 110 31.08 21.67 -6.94
CA GLY B 110 31.23 22.69 -7.97
C GLY B 110 32.64 22.85 -8.49
N ALA B 111 33.17 21.83 -9.16
CA ALA B 111 34.52 21.89 -9.71
C ALA B 111 34.72 22.98 -10.78
N GLY B 112 33.73 23.17 -11.61
CA GLY B 112 33.79 24.17 -12.68
C GLY B 112 33.92 25.63 -12.27
N SER B 113 33.31 26.00 -11.14
CA SER B 113 33.21 27.38 -10.72
C SER B 113 34.55 28.11 -10.57
N SER B 114 34.50 29.43 -10.66
CA SER B 114 35.68 30.28 -10.61
C SER B 114 36.37 30.27 -9.26
N HIS B 115 37.64 30.68 -9.27
CA HIS B 115 38.46 30.69 -8.06
C HIS B 115 37.88 31.54 -6.94
N GLU B 116 37.33 32.71 -7.24
CA GLU B 116 36.74 33.53 -6.19
C GLU B 116 35.60 32.77 -5.53
N THR B 117 34.79 32.09 -6.34
CA THR B 117 33.69 31.29 -5.84
C THR B 117 34.17 30.19 -4.92
N LYS B 118 35.32 29.58 -5.23
CA LYS B 118 35.79 28.46 -4.41
C LYS B 118 36.40 28.93 -3.08
N ILE B 119 37.09 30.08 -3.06
CA ILE B 119 37.59 30.60 -1.79
C ILE B 119 36.43 30.97 -0.88
N LEU B 120 35.43 31.67 -1.43
CA LEU B 120 34.25 32.02 -0.64
C LEU B 120 33.49 30.77 -0.23
N ALA B 121 33.42 29.78 -1.10
CA ALA B 121 32.72 28.56 -0.78
C ALA B 121 33.43 27.80 0.34
N LYS B 122 34.75 27.85 0.39
CA LYS B 122 35.47 27.26 1.52
C LYS B 122 35.15 28.01 2.82
N LYS B 123 35.23 29.33 2.77
CA LYS B 123 34.88 30.12 3.95
C LYS B 123 33.50 29.76 4.47
N LEU B 124 32.49 29.77 3.59
CA LEU B 124 31.13 29.42 4.00
C LEU B 124 31.04 27.97 4.45
N LEU B 125 31.72 27.07 3.75
CA LEU B 125 31.71 25.67 4.12
C LEU B 125 32.09 25.49 5.58
N LEU B 126 33.04 26.30 6.05
CA LEU B 126 33.35 26.25 7.48
C LEU B 126 32.11 26.50 8.34
N ILE B 127 31.20 27.33 7.87
CA ILE B 127 29.99 27.63 8.66
C ILE B 127 28.95 26.54 8.47
N THR B 128 28.87 25.94 7.29
CA THR B 128 27.80 25.01 6.98
C THR B 128 28.08 23.60 7.45
N SER B 129 29.34 23.16 7.49
CA SER B 129 29.62 21.79 7.91
C SER B 129 29.01 21.43 9.25
N PRO B 130 29.24 22.18 10.34
CA PRO B 130 28.71 21.74 11.63
C PRO B 130 27.21 21.53 11.65
N SER B 131 26.46 22.03 10.66
CA SER B 131 25.01 21.94 10.74
C SER B 131 24.51 20.50 10.64
N ILE B 132 25.30 19.61 10.01
CA ILE B 132 24.82 18.24 9.81
C ILE B 132 24.62 17.53 11.13
N TYR B 133 25.47 17.83 12.12
CA TYR B 133 25.34 17.21 13.44
C TYR B 133 23.99 17.52 14.07
N PHE B 134 23.61 18.79 14.09
CA PHE B 134 22.36 19.17 14.70
C PHE B 134 21.17 18.71 13.87
N ILE B 135 21.30 18.76 12.54
CA ILE B 135 20.25 18.20 11.69
C ILE B 135 19.99 16.76 12.07
N PHE B 136 21.06 15.97 12.22
CA PHE B 136 20.91 14.56 12.53
C PHE B 136 20.24 14.35 13.88
N LEU B 137 20.68 15.11 14.88
CA LEU B 137 20.03 14.98 16.19
C LEU B 137 18.55 15.29 16.09
N TRP B 138 18.20 16.39 15.40
CA TRP B 138 16.79 16.73 15.22
C TRP B 138 16.05 15.61 14.53
N ALA B 139 16.64 15.02 13.49
CA ALA B 139 15.95 14.01 12.71
C ALA B 139 15.65 12.78 13.55
N ILE B 140 16.66 12.28 14.26
CA ILE B 140 16.45 11.07 15.04
C ILE B 140 15.52 11.35 16.21
N SER B 141 15.55 12.57 16.75
CA SER B 141 14.63 12.91 17.82
C SER B 141 13.20 13.05 17.31
N TYR B 142 13.04 13.54 16.08
CA TYR B 142 11.73 13.80 15.51
C TYR B 142 11.08 12.53 14.99
N SER B 143 11.88 11.57 14.54
CA SER B 143 11.32 10.33 14.00
C SER B 143 10.72 9.46 15.09
N ILE B 144 11.37 9.40 16.26
CA ILE B 144 10.90 8.53 17.34
C ILE B 144 9.68 9.07 18.05
N LEU B 145 9.25 10.28 17.72
CA LEU B 145 8.09 10.85 18.39
C LEU B 145 6.85 10.01 18.09
N ASN B 146 6.04 9.80 19.13
CA ASN B 146 4.73 9.17 19.00
C ASN B 146 3.73 10.05 19.73
N THR B 147 2.72 10.52 19.02
CA THR B 147 1.79 11.51 19.54
C THR B 147 0.41 10.90 19.71
N ASN B 148 -0.21 11.16 20.86
CA ASN B 148 -1.63 10.88 21.03
C ASN B 148 -2.49 12.01 20.48
N ASN B 149 -1.97 13.23 20.45
CA ASN B 149 -2.70 14.38 19.92
C ASN B 149 -2.99 14.19 18.44
N LYS B 150 -4.15 14.70 18.01
CA LYS B 150 -4.55 14.61 16.60
C LYS B 150 -3.72 15.53 15.71
N PHE B 151 -3.24 16.65 16.24
CA PHE B 151 -2.42 17.58 15.50
C PHE B 151 -0.98 17.51 16.03
N PHE B 152 -0.06 17.15 15.14
CA PHE B 152 1.35 16.93 15.50
C PHE B 152 2.07 18.27 15.40
N TRP B 153 2.22 18.93 16.55
CA TRP B 153 2.86 20.25 16.54
C TRP B 153 4.30 20.21 16.03
N PRO B 154 5.15 19.26 16.44
CA PRO B 154 6.50 19.19 15.85
C PRO B 154 6.52 19.01 14.34
N ALA B 155 5.38 18.71 13.71
CA ALA B 155 5.36 18.54 12.26
C ALA B 155 5.94 19.76 11.54
N LEU B 156 5.72 20.95 12.10
CA LEU B 156 6.18 22.19 11.48
C LEU B 156 7.64 22.50 11.77
N THR B 157 8.34 21.62 12.49
CA THR B 157 9.72 21.91 12.88
C THR B 157 10.65 22.12 11.69
N PRO B 158 10.54 21.38 10.58
CA PRO B 158 11.48 21.57 9.47
C PRO B 158 11.53 22.99 8.92
N SER B 159 10.52 23.82 9.21
CA SER B 159 10.50 25.16 8.64
C SER B 159 11.49 26.08 9.33
N ILE B 160 11.82 25.82 10.60
CA ILE B 160 12.63 26.77 11.37
C ILE B 160 13.84 27.21 10.57
N SER B 161 14.58 26.24 10.03
CA SER B 161 15.76 26.56 9.24
C SER B 161 15.45 27.64 8.21
N ASN B 162 14.53 27.35 7.28
CA ASN B 162 14.10 28.35 6.31
C ASN B 162 13.93 29.72 6.96
N ILE B 163 13.12 29.77 8.02
CA ILE B 163 12.86 31.03 8.72
C ILE B 163 14.17 31.74 9.00
N THR B 164 15.06 31.09 9.76
CA THR B 164 16.33 31.73 10.09
C THR B 164 17.05 32.19 8.83
N ILE B 165 17.11 31.32 7.82
CA ILE B 165 17.74 31.69 6.55
C ILE B 165 17.10 32.96 6.01
N ILE B 166 15.77 32.97 5.92
CA ILE B 166 15.06 34.17 5.48
C ILE B 166 15.55 35.38 6.27
N ILE B 167 15.54 35.27 7.60
CA ILE B 167 16.00 36.37 8.44
C ILE B 167 17.38 36.81 8.00
N GLY B 168 18.30 35.85 7.86
CA GLY B 168 19.64 36.17 7.41
C GLY B 168 19.66 36.96 6.12
N THR B 169 18.81 36.57 5.17
CA THR B 169 18.80 37.29 3.90
C THR B 169 18.46 38.76 4.11
N PHE B 170 17.49 39.06 4.97
CA PHE B 170 17.19 40.45 5.26
C PHE B 170 18.43 41.18 5.75
N LEU B 171 19.19 40.55 6.64
CA LEU B 171 20.39 41.18 7.16
C LEU B 171 21.53 41.21 6.15
N SER B 172 21.40 40.51 5.02
CA SER B 172 22.53 40.39 4.10
C SER B 172 22.99 41.75 3.58
N THR B 173 22.06 42.69 3.38
CA THR B 173 22.46 44.03 2.96
C THR B 173 23.56 44.55 3.88
N LYS B 174 23.37 44.40 5.19
CA LYS B 174 24.37 44.85 6.15
C LYS B 174 25.61 43.95 6.16
N TYR B 175 25.44 42.64 5.95
CA TYR B 175 26.54 41.70 6.18
C TYR B 175 26.95 40.83 4.99
N GLY B 176 26.30 40.95 3.85
CA GLY B 176 26.66 40.08 2.74
C GLY B 176 26.08 38.67 2.87
N ILE B 177 26.67 37.74 2.09
CA ILE B 177 26.13 36.39 1.95
C ILE B 177 26.30 35.58 3.25
N ILE B 178 27.26 35.97 4.07
CA ILE B 178 27.54 35.18 5.27
C ILE B 178 26.36 35.17 6.22
N SER B 179 25.47 36.16 6.12
CA SER B 179 24.30 36.15 7.00
C SER B 179 23.33 35.03 6.64
N PRO B 180 22.98 34.82 5.37
CA PRO B 180 22.19 33.61 5.07
C PRO B 180 22.93 32.34 5.46
N THR B 181 24.26 32.30 5.26
CA THR B 181 24.97 31.09 5.69
C THR B 181 24.82 30.83 7.20
N ILE B 182 25.11 31.84 8.01
CA ILE B 182 24.97 31.70 9.45
C ILE B 182 23.53 31.38 9.81
N GLY B 183 22.59 32.01 9.13
CA GLY B 183 21.19 31.70 9.40
C GLY B 183 20.89 30.24 9.16
N PHE B 184 21.49 29.66 8.11
CA PHE B 184 21.38 28.23 7.85
C PHE B 184 21.83 27.43 9.06
N LEU B 185 23.05 27.72 9.54
CA LEU B 185 23.59 26.97 10.68
C LEU B 185 22.68 27.13 11.91
N ILE B 186 22.45 28.37 12.33
CA ILE B 186 21.61 28.64 13.50
C ILE B 186 20.24 28.00 13.33
N GLY B 187 19.72 27.98 12.11
CA GLY B 187 18.47 27.30 11.87
C GLY B 187 18.56 25.85 12.29
N SER B 188 19.62 25.16 11.88
CA SER B 188 19.77 23.76 12.26
C SER B 188 19.80 23.62 13.77
N ILE B 189 20.59 24.46 14.43
CA ILE B 189 20.74 24.33 15.88
C ILE B 189 19.40 24.52 16.57
N LEU B 190 18.66 25.56 16.20
CA LEU B 190 17.38 25.81 16.84
C LEU B 190 16.39 24.70 16.51
N MET B 191 16.32 24.31 15.24
CA MET B 191 15.42 23.24 14.82
C MET B 191 15.58 22.03 15.74
N PHE B 192 16.83 21.67 16.04
CA PHE B 192 17.04 20.58 16.99
C PHE B 192 16.54 20.96 18.38
N PHE B 193 16.96 22.13 18.87
CA PHE B 193 16.62 22.49 20.24
C PHE B 193 15.12 22.48 20.48
N SER B 194 14.31 22.79 19.46
CA SER B 194 12.88 22.94 19.68
C SER B 194 12.25 21.65 20.19
N ILE B 195 12.87 20.50 19.93
CA ILE B 195 12.34 19.22 20.36
C ILE B 195 13.33 18.47 21.23
N ILE B 196 14.27 19.18 21.86
CA ILE B 196 15.31 18.48 22.61
C ILE B 196 14.74 17.82 23.86
N LYS B 197 13.80 18.47 24.54
CA LYS B 197 13.17 17.87 25.70
C LYS B 197 12.60 16.50 25.36
N SER B 198 12.19 16.29 24.11
CA SER B 198 11.68 14.99 23.69
C SER B 198 12.75 13.91 23.77
N ILE B 199 13.94 14.21 23.24
CA ILE B 199 14.97 13.19 23.13
C ILE B 199 15.64 12.92 24.47
N ILE B 200 15.86 13.96 25.27
CA ILE B 200 16.63 13.75 26.50
C ILE B 200 15.83 12.99 27.55
N LYS B 201 14.51 12.89 27.39
CA LYS B 201 13.71 12.07 28.31
C LYS B 201 14.23 10.65 28.36
N HIS B 202 14.71 10.13 27.23
CA HIS B 202 15.20 8.76 27.17
C HIS B 202 16.55 8.64 27.89
N LYS B 203 16.69 7.58 28.68
CA LYS B 203 17.95 7.33 29.37
C LYS B 203 19.08 7.12 28.36
N TYR B 204 20.26 7.66 28.69
CA TYR B 204 21.41 7.57 27.82
C TYR B 204 22.40 6.53 28.32
N TYR B 205 22.93 5.73 27.40
CA TYR B 205 23.96 4.75 27.68
C TYR B 205 25.18 5.06 26.86
N PHE B 206 26.35 5.05 27.49
CA PHE B 206 27.62 5.33 26.81
C PHE B 206 28.12 4.05 26.16
N THR B 207 27.44 3.68 25.08
CA THR B 207 27.70 2.41 24.40
C THR B 207 27.71 2.60 22.89
N ILE B 208 28.36 1.66 22.22
CA ILE B 208 28.43 1.62 20.76
C ILE B 208 28.42 0.14 20.35
N LYS B 209 28.01 -0.74 21.26
CA LYS B 209 28.17 -2.18 21.03
C LYS B 209 27.29 -2.65 19.88
N HIS B 210 26.03 -2.20 19.82
CA HIS B 210 25.08 -2.67 18.81
C HIS B 210 25.13 -1.87 17.51
N PHE B 211 25.97 -0.83 17.43
CA PHE B 211 25.96 0.07 16.28
C PHE B 211 26.47 -0.59 15.00
N PRO B 212 27.55 -1.38 15.05
CA PRO B 212 28.06 -1.97 13.78
C PRO B 212 27.05 -2.86 13.08
N HIS B 213 26.35 -3.70 13.85
CA HIS B 213 25.29 -4.52 13.30
C HIS B 213 24.19 -3.65 12.68
N PHE B 214 23.83 -2.56 13.37
CA PHE B 214 22.86 -1.64 12.80
C PHE B 214 23.35 -1.09 11.47
N LEU B 215 24.63 -0.73 11.36
CA LEU B 215 25.15 -0.26 10.09
C LEU B 215 24.98 -1.33 9.01
N LYS B 216 25.27 -2.58 9.36
CA LYS B 216 24.99 -3.67 8.45
C LYS B 216 23.57 -3.58 7.92
N LEU B 217 22.60 -3.40 8.83
CA LEU B 217 21.20 -3.36 8.41
C LEU B 217 20.83 -2.06 7.71
N PHE B 218 21.62 -1.01 7.88
CA PHE B 218 21.29 0.31 7.36
C PHE B 218 21.91 0.59 6.00
N PHE B 219 22.90 -0.21 5.60
CA PHE B 219 23.54 0.03 4.30
C PHE B 219 22.56 0.19 3.14
N PRO B 220 21.56 -0.69 2.96
CA PRO B 220 20.67 -0.52 1.78
C PRO B 220 20.08 0.87 1.66
N THR B 221 19.67 1.47 2.78
CA THR B 221 19.13 2.83 2.77
C THR B 221 20.22 3.84 2.37
N PHE B 222 21.40 3.72 2.98
CA PHE B 222 22.54 4.55 2.59
C PHE B 222 22.76 4.54 1.09
N MET B 223 22.86 3.33 0.53
CA MET B 223 23.15 3.17 -0.90
C MET B 223 22.05 3.79 -1.73
N THR B 224 20.79 3.52 -1.39
CA THR B 224 19.68 4.09 -2.16
C THR B 224 19.76 5.62 -2.17
N MET B 225 19.98 6.22 -1.00
CA MET B 225 19.99 7.68 -0.91
C MET B 225 21.12 8.28 -1.75
N VAL B 226 22.34 7.76 -1.58
CA VAL B 226 23.47 8.21 -2.38
C VAL B 226 23.17 8.10 -3.87
N VAL B 227 22.69 6.93 -4.29
CA VAL B 227 22.43 6.71 -5.70
C VAL B 227 21.43 7.72 -6.22
N SER B 228 20.37 8.00 -5.45
CA SER B 228 19.38 8.97 -5.91
C SER B 228 20.01 10.35 -6.05
N GLN B 229 20.92 10.70 -5.14
CA GLN B 229 21.53 12.02 -5.18
C GLN B 229 22.44 12.22 -6.40
N ILE B 230 22.98 11.13 -6.94
CA ILE B 230 23.96 11.22 -8.03
C ILE B 230 23.58 12.24 -9.10
N ASN B 231 22.36 12.15 -9.62
CA ASN B 231 21.99 12.98 -10.76
C ASN B 231 22.01 14.46 -10.41
N THR B 232 21.46 14.81 -9.24
CA THR B 232 21.48 16.19 -8.79
C THR B 232 22.91 16.71 -8.71
N VAL B 233 23.80 15.91 -8.10
CA VAL B 233 25.21 16.29 -8.03
C VAL B 233 25.76 16.55 -9.42
N VAL B 234 25.46 15.65 -10.37
CA VAL B 234 26.01 15.78 -11.72
C VAL B 234 25.52 17.07 -12.36
N ASP B 235 24.22 17.32 -12.28
CA ASP B 235 23.67 18.57 -12.82
C ASP B 235 24.46 19.76 -12.31
N MET B 236 24.63 19.84 -10.99
CA MET B 236 25.29 21.00 -10.40
C MET B 236 26.75 21.11 -10.87
N ASN B 237 27.47 19.98 -10.83
CA ASN B 237 28.88 19.97 -11.18
C ASN B 237 29.10 20.41 -12.62
N VAL B 238 28.34 19.84 -13.55
CA VAL B 238 28.43 20.20 -14.96
C VAL B 238 28.08 21.67 -15.15
N VAL B 239 27.02 22.12 -14.49
CA VAL B 239 26.53 23.47 -14.70
C VAL B 239 27.57 24.51 -14.31
N SER B 240 28.32 24.25 -13.24
CA SER B 240 29.23 25.26 -12.72
C SER B 240 30.22 25.78 -13.77
N PHE B 241 30.61 24.95 -14.73
CA PHE B 241 31.67 25.34 -15.67
C PHE B 241 31.24 26.51 -16.55
N TYR B 242 29.99 26.54 -16.96
CA TYR B 242 29.59 27.37 -18.09
C TYR B 242 29.86 28.84 -17.83
N ASP B 243 29.27 29.38 -16.76
CA ASP B 243 29.31 30.81 -16.49
C ASP B 243 29.20 31.00 -14.99
N LYS B 244 29.60 32.18 -14.53
CA LYS B 244 29.29 32.54 -13.15
C LYS B 244 27.80 32.76 -13.03
N GLY B 245 27.21 32.26 -11.96
CA GLY B 245 25.79 32.37 -11.77
C GLY B 245 24.99 31.20 -12.31
N SER B 246 25.60 30.34 -13.12
CA SER B 246 24.90 29.19 -13.68
C SER B 246 24.26 28.32 -12.60
N ILE B 247 25.02 27.99 -11.54
CA ILE B 247 24.46 27.21 -10.43
C ILE B 247 23.19 27.89 -9.91
N SER B 248 23.32 29.15 -9.49
CA SER B 248 22.20 29.91 -8.96
C SER B 248 21.03 29.93 -9.94
N TYR B 249 21.32 30.13 -11.23
CA TYR B 249 20.28 30.03 -12.24
C TYR B 249 19.52 28.74 -12.10
N LEU B 250 20.26 27.64 -12.02
CA LEU B 250 19.63 26.34 -11.96
C LEU B 250 18.69 26.25 -10.77
N GLN B 251 19.13 26.73 -9.61
CA GLN B 251 18.31 26.67 -8.40
C GLN B 251 17.03 27.47 -8.55
N TYR B 252 17.14 28.70 -9.06
CA TYR B 252 15.97 29.53 -9.29
C TYR B 252 14.98 28.82 -10.20
N ALA B 253 15.47 28.29 -11.32
CA ALA B 253 14.60 27.56 -12.23
C ALA B 253 14.03 26.31 -11.57
N SER B 254 14.76 25.73 -10.62
CA SER B 254 14.33 24.50 -9.98
C SER B 254 13.04 24.72 -9.20
N ARG B 255 12.97 25.84 -8.46
CA ARG B 255 11.73 26.13 -7.72
C ARG B 255 10.50 25.91 -8.59
N PHE B 256 10.44 26.62 -9.71
CA PHE B 256 9.23 26.60 -10.51
C PHE B 256 9.13 25.37 -11.41
N TYR B 257 10.26 24.78 -11.80
CA TYR B 257 10.21 23.52 -12.56
C TYR B 257 9.65 22.40 -11.72
N LEU B 258 9.96 22.39 -10.41
CA LEU B 258 9.43 21.36 -9.53
C LEU B 258 7.99 21.63 -9.10
N LEU B 259 7.61 22.90 -8.91
CA LEU B 259 6.24 23.23 -8.47
C LEU B 259 5.15 22.34 -9.06
N PRO B 260 5.06 22.13 -10.37
CA PRO B 260 3.98 21.27 -10.88
C PRO B 260 3.92 19.91 -10.21
N TYR B 261 5.06 19.30 -9.94
CA TYR B 261 5.06 18.00 -9.30
C TYR B 261 4.45 18.11 -7.90
N GLY B 262 4.71 19.21 -7.20
CA GLY B 262 4.13 19.44 -5.89
C GLY B 262 2.62 19.60 -5.92
N LEU B 263 2.12 20.50 -6.76
CA LEU B 263 0.68 20.67 -6.94
C LEU B 263 0.02 19.33 -7.27
N PHE B 264 0.57 18.65 -8.27
CA PHE B 264 0.10 17.31 -8.62
C PHE B 264 0.03 16.42 -7.38
N ALA B 265 1.11 16.38 -6.61
CA ALA B 265 1.12 15.53 -5.41
C ALA B 265 -0.06 15.88 -4.50
N VAL B 266 -0.30 17.18 -4.29
CA VAL B 266 -1.32 17.58 -3.33
C VAL B 266 -2.68 17.04 -3.75
N SER B 267 -3.05 17.25 -5.02
CA SER B 267 -4.43 16.90 -5.41
C SER B 267 -4.54 15.61 -6.24
N VAL B 268 -3.78 15.51 -7.32
CA VAL B 268 -3.98 14.45 -8.32
C VAL B 268 -3.44 13.10 -7.83
N SER B 269 -2.47 13.13 -6.92
CA SER B 269 -1.77 11.92 -6.54
C SER B 269 -2.73 10.87 -5.99
N THR B 270 -3.67 11.28 -5.14
CA THR B 270 -4.60 10.34 -4.53
C THR B 270 -5.49 9.70 -5.59
N VAL B 271 -6.07 10.51 -6.48
CA VAL B 271 -6.90 9.98 -7.56
C VAL B 271 -6.13 8.94 -8.35
N VAL B 272 -4.91 9.29 -8.78
CA VAL B 272 -4.13 8.36 -9.60
C VAL B 272 -3.82 7.08 -8.83
N LEU B 273 -3.35 7.22 -7.60
CA LEU B 273 -3.00 6.05 -6.80
C LEU B 273 -4.19 5.12 -6.65
N SER B 274 -5.38 5.66 -6.46
CA SER B 274 -6.57 4.82 -6.32
C SER B 274 -6.76 3.92 -7.54
N LYS B 275 -6.51 4.46 -8.74
CA LYS B 275 -6.74 3.70 -9.96
C LYS B 275 -5.71 2.60 -10.14
N ILE B 276 -4.46 2.86 -9.75
CA ILE B 276 -3.42 1.83 -9.74
C ILE B 276 -3.87 0.66 -8.86
N SER B 277 -3.77 -0.55 -9.40
CA SER B 277 -4.36 -1.73 -8.78
C SER B 277 -3.27 -2.71 -8.35
N ASN B 278 -3.49 -3.35 -7.20
CA ASN B 278 -2.54 -4.33 -6.68
C ASN B 278 -2.63 -5.67 -7.42
N ASP B 279 -3.80 -5.99 -7.99
CA ASP B 279 -4.00 -7.21 -8.75
C ASP B 279 -3.76 -6.94 -10.24
N ARG B 280 -2.96 -7.81 -10.87
CA ARG B 280 -2.61 -7.64 -12.27
C ARG B 280 -3.75 -8.03 -13.21
N LYS B 281 -4.74 -8.78 -12.74
CA LYS B 281 -5.83 -9.19 -13.62
C LYS B 281 -6.37 -8.01 -14.42
N ASN B 282 -6.66 -6.90 -13.74
CA ASN B 282 -7.18 -5.69 -14.38
C ASN B 282 -6.10 -4.62 -14.52
N PHE B 283 -4.87 -5.05 -14.84
CA PHE B 283 -3.74 -4.12 -14.95
C PHE B 283 -4.05 -3.06 -16.00
N ASN B 284 -4.13 -3.47 -17.27
CA ASN B 284 -4.24 -2.52 -18.37
C ASN B 284 -5.39 -1.54 -18.15
N TYR B 285 -6.62 -2.04 -18.01
CA TYR B 285 -7.76 -1.16 -17.80
C TYR B 285 -7.45 -0.11 -16.74
N HIS B 286 -6.87 -0.55 -15.62
CA HIS B 286 -6.54 0.40 -14.55
C HIS B 286 -5.38 1.28 -14.97
N LEU B 287 -4.29 0.67 -15.44
CA LEU B 287 -3.12 1.45 -15.85
C LEU B 287 -3.53 2.56 -16.80
N ASN B 288 -4.12 2.19 -17.94
CA ASN B 288 -4.63 3.18 -18.87
C ASN B 288 -5.45 4.24 -18.15
N ASP B 289 -6.48 3.82 -17.41
CA ASP B 289 -7.29 4.79 -16.67
C ASP B 289 -6.39 5.70 -15.84
N ALA B 290 -5.55 5.09 -15.01
CA ALA B 290 -4.61 5.87 -14.21
C ALA B 290 -3.82 6.80 -15.12
N LEU B 291 -3.14 6.23 -16.12
CA LEU B 291 -2.41 7.05 -17.07
C LEU B 291 -3.27 8.20 -17.55
N LYS B 292 -4.48 7.89 -18.02
CA LYS B 292 -5.37 8.92 -18.54
C LYS B 292 -5.42 10.11 -17.59
N THR B 293 -5.71 9.85 -16.31
CA THR B 293 -5.80 10.94 -15.34
C THR B 293 -4.55 11.79 -15.37
N THR B 294 -3.37 11.16 -15.22
CA THR B 294 -2.13 11.92 -15.28
C THR B 294 -2.15 12.87 -16.47
N LEU B 295 -2.38 12.32 -17.66
CA LEU B 295 -2.29 13.12 -18.87
C LEU B 295 -3.30 14.27 -18.85
N PHE B 296 -4.47 14.05 -18.24
CA PHE B 296 -5.47 15.10 -18.17
C PHE B 296 -4.91 16.34 -17.49
N PHE B 297 -4.19 16.16 -16.39
CA PHE B 297 -3.68 17.30 -15.62
C PHE B 297 -2.36 17.83 -16.16
N THR B 298 -1.48 16.93 -16.61
CA THR B 298 -0.12 17.35 -16.96
C THR B 298 -0.08 18.09 -18.29
N ILE B 299 -0.76 17.61 -19.31
CA ILE B 299 -0.66 18.24 -20.63
C ILE B 299 -1.04 19.70 -20.58
N PRO B 300 -2.20 20.10 -20.02
CA PRO B 300 -2.46 21.54 -19.88
C PRO B 300 -1.42 22.26 -19.05
N SER B 301 -1.12 21.74 -17.85
CA SER B 301 -0.13 22.37 -16.97
C SER B 301 1.18 22.64 -17.69
N MET B 302 1.63 21.69 -18.50
CA MET B 302 2.86 21.92 -19.27
C MET B 302 2.71 23.13 -20.19
N VAL B 303 1.63 23.18 -20.95
CA VAL B 303 1.42 24.26 -21.93
C VAL B 303 1.36 25.61 -21.23
N GLY B 304 0.33 25.79 -20.40
CA GLY B 304 0.16 27.00 -19.63
C GLY B 304 1.44 27.47 -18.98
N LEU B 305 2.03 26.62 -18.14
CA LEU B 305 3.25 27.01 -17.43
C LEU B 305 4.32 27.49 -18.40
N ILE B 306 4.50 26.79 -19.53
CA ILE B 306 5.48 27.25 -20.50
C ILE B 306 5.11 28.64 -21.02
N PHE B 307 3.86 28.79 -21.47
CA PHE B 307 3.45 30.03 -22.12
C PHE B 307 3.60 31.23 -21.20
N LEU B 308 3.31 31.03 -19.90
CA LEU B 308 3.37 32.08 -18.90
C LEU B 308 4.69 32.07 -18.12
N SER B 309 5.72 31.39 -18.63
CA SER B 309 6.98 31.31 -17.90
C SER B 309 7.51 32.71 -17.58
N THR B 310 7.69 33.55 -18.59
CA THR B 310 8.26 34.87 -18.35
C THR B 310 7.39 35.70 -17.43
N PRO B 311 6.07 35.78 -17.61
CA PRO B 311 5.23 36.44 -16.60
C PRO B 311 5.51 35.97 -15.17
N ILE B 312 5.47 34.66 -14.93
CA ILE B 312 5.64 34.11 -13.58
C ILE B 312 7.01 34.48 -13.00
N ILE B 313 8.07 34.21 -13.77
CA ILE B 313 9.43 34.51 -13.32
C ILE B 313 9.59 36.00 -13.03
N ARG B 314 9.08 36.86 -13.91
CA ARG B 314 9.21 38.29 -13.69
C ARG B 314 8.49 38.70 -12.42
N PHE B 315 7.25 38.24 -12.24
CA PHE B 315 6.49 38.64 -11.07
C PHE B 315 7.21 38.25 -9.78
N PHE B 316 7.65 36.99 -9.69
CA PHE B 316 8.21 36.51 -8.42
C PHE B 316 9.66 36.95 -8.20
N TYR B 317 10.53 36.74 -9.19
CA TYR B 317 11.97 36.89 -8.96
C TYR B 317 12.52 38.26 -9.34
N GLU B 318 11.96 38.93 -10.35
CA GLU B 318 12.63 40.09 -10.93
C GLU B 318 12.90 41.18 -9.89
N HIS B 319 12.05 41.30 -8.87
CA HIS B 319 12.25 42.35 -7.88
C HIS B 319 13.69 42.32 -7.37
N GLY B 320 14.24 43.51 -7.13
CA GLY B 320 15.54 43.59 -6.50
C GLY B 320 16.70 43.41 -7.46
N ALA B 321 17.78 42.85 -6.94
CA ALA B 321 19.01 42.68 -7.72
C ALA B 321 18.79 41.81 -8.95
N PHE B 322 17.77 40.96 -8.93
CA PHE B 322 17.42 40.16 -10.10
C PHE B 322 17.14 41.06 -11.30
N THR B 323 17.84 40.81 -12.40
CA THR B 323 17.75 41.64 -13.60
C THR B 323 16.77 41.05 -14.59
N SER B 324 16.46 41.82 -15.63
CA SER B 324 15.61 41.31 -16.71
C SER B 324 16.31 40.18 -17.46
N LYS B 325 17.62 40.33 -17.73
CA LYS B 325 18.37 39.25 -18.38
C LYS B 325 18.29 37.97 -17.57
N ASP B 326 18.41 38.09 -16.24
CA ASP B 326 18.22 36.93 -15.37
C ASP B 326 16.83 36.33 -15.57
N THR B 327 15.82 37.16 -15.78
CA THR B 327 14.48 36.65 -16.01
C THR B 327 14.42 35.84 -17.31
N LEU B 328 15.01 36.37 -18.38
CA LEU B 328 14.99 35.63 -19.64
C LEU B 328 15.69 34.29 -19.51
N ILE B 329 16.88 34.28 -18.90
CA ILE B 329 17.63 33.03 -18.72
C ILE B 329 16.82 32.03 -17.90
N THR B 330 16.41 32.43 -16.69
CA THR B 330 15.63 31.55 -15.84
C THR B 330 14.39 31.04 -16.56
N SER B 331 13.75 31.90 -17.35
CA SER B 331 12.56 31.49 -18.06
C SER B 331 12.90 30.40 -19.08
N LYS B 332 14.03 30.53 -19.76
CA LYS B 332 14.43 29.52 -20.74
C LYS B 332 14.72 28.19 -20.05
N ILE B 333 15.43 28.24 -18.92
CA ILE B 333 15.69 27.01 -18.17
C ILE B 333 14.37 26.36 -17.76
N LEU B 334 13.44 27.18 -17.26
CA LEU B 334 12.18 26.64 -16.81
C LEU B 334 11.44 25.98 -17.96
N ILE B 335 11.52 26.58 -19.15
CA ILE B 335 10.81 26.01 -20.29
C ILE B 335 11.43 24.66 -20.67
N ALA B 336 12.75 24.63 -20.79
CA ALA B 336 13.44 23.38 -21.07
C ALA B 336 13.05 22.29 -20.08
N TYR B 337 13.16 22.59 -18.78
CA TYR B 337 12.76 21.65 -17.74
C TYR B 337 11.30 21.22 -17.91
N THR B 338 10.38 22.18 -18.02
CA THR B 338 8.96 21.88 -18.01
C THR B 338 8.59 20.95 -19.15
N LEU B 339 9.28 21.07 -20.29
CA LEU B 339 8.93 20.23 -21.44
C LEU B 339 8.66 18.79 -21.04
N GLY B 340 9.41 18.29 -20.05
CA GLY B 340 9.34 16.91 -19.64
C GLY B 340 8.21 16.54 -18.70
N LEU B 341 7.38 17.51 -18.30
CA LEU B 341 6.34 17.26 -17.31
C LEU B 341 5.47 16.07 -17.70
N PRO B 342 4.87 16.05 -18.89
CA PRO B 342 4.05 14.88 -19.28
C PRO B 342 4.82 13.55 -19.28
N PHE B 343 6.03 13.54 -19.80
CA PHE B 343 6.79 12.31 -19.86
C PHE B 343 7.08 11.78 -18.48
N TYR B 344 7.45 12.65 -17.53
CA TYR B 344 7.70 12.18 -16.19
C TYR B 344 6.40 11.80 -15.49
N GLY B 345 5.29 12.42 -15.84
CA GLY B 345 4.02 11.94 -15.34
C GLY B 345 3.75 10.51 -15.74
N ILE B 346 3.85 10.23 -17.04
CA ILE B 346 3.63 8.86 -17.53
C ILE B 346 4.62 7.90 -16.88
N TYR B 347 5.88 8.33 -16.77
CA TYR B 347 6.89 7.49 -16.15
C TYR B 347 6.51 7.14 -14.72
N SER B 348 6.13 8.16 -13.92
CA SER B 348 5.79 7.91 -12.53
C SER B 348 4.58 6.99 -12.41
N THR B 349 3.55 7.22 -13.24
CA THR B 349 2.33 6.40 -13.16
C THR B 349 2.63 4.93 -13.49
N ILE B 350 3.33 4.69 -14.60
CA ILE B 350 3.68 3.31 -14.96
C ILE B 350 4.54 2.68 -13.88
N SER B 351 5.54 3.40 -13.38
CA SER B 351 6.40 2.84 -12.34
C SER B 351 5.58 2.44 -11.12
N ARG B 352 4.70 3.32 -10.66
CA ARG B 352 3.87 2.99 -9.51
C ARG B 352 3.00 1.76 -9.79
N SER B 353 2.40 1.70 -10.98
CA SER B 353 1.54 0.55 -11.27
C SER B 353 2.33 -0.74 -11.30
N TYR B 354 3.59 -0.69 -11.74
CA TYR B 354 4.45 -1.87 -11.66
C TYR B 354 4.79 -2.21 -10.22
N HIS B 355 4.98 -1.20 -9.38
CA HIS B 355 5.19 -1.44 -7.96
C HIS B 355 3.99 -2.15 -7.35
N ALA B 356 2.79 -1.78 -7.78
CA ALA B 356 1.57 -2.31 -7.17
C ALA B 356 1.45 -3.82 -7.33
N ILE B 357 2.01 -4.38 -8.40
CA ILE B 357 1.96 -5.81 -8.65
C ILE B 357 3.27 -6.50 -8.25
N LYS B 358 4.11 -5.83 -7.46
CA LYS B 358 5.35 -6.40 -6.96
C LYS B 358 6.34 -6.71 -8.07
N ASN B 359 6.40 -5.83 -9.08
CA ASN B 359 7.39 -5.91 -10.16
C ASN B 359 8.40 -4.79 -9.98
N THR B 360 9.65 -5.16 -9.69
CA THR B 360 10.70 -4.17 -9.45
C THR B 360 11.78 -4.13 -10.53
N LYS B 361 11.86 -5.15 -11.38
CA LYS B 361 12.92 -5.18 -12.40
C LYS B 361 12.67 -4.13 -13.48
N THR B 362 11.43 -4.02 -13.95
CA THR B 362 11.15 -3.07 -15.02
C THR B 362 11.31 -1.62 -14.58
N PRO B 363 10.67 -1.18 -13.49
CA PRO B 363 10.97 0.18 -12.99
C PRO B 363 12.44 0.41 -12.68
N PHE B 364 13.14 -0.60 -12.16
CA PHE B 364 14.58 -0.47 -11.93
C PHE B 364 15.34 -0.17 -13.22
N ILE B 365 15.07 -0.96 -14.26
CA ILE B 365 15.77 -0.75 -15.52
C ILE B 365 15.42 0.62 -16.09
N ALA B 366 14.16 1.03 -15.97
CA ALA B 366 13.77 2.36 -16.44
C ALA B 366 14.50 3.46 -15.67
N ALA B 367 14.62 3.30 -14.35
CA ALA B 367 15.38 4.27 -13.57
C ALA B 367 16.83 4.33 -14.03
N THR B 368 17.45 3.18 -14.22
CA THR B 368 18.84 3.18 -14.67
C THR B 368 18.95 3.85 -16.04
N ILE B 369 18.01 3.58 -16.93
CA ILE B 369 18.02 4.19 -18.25
C ILE B 369 17.96 5.70 -18.14
N VAL B 370 17.02 6.21 -17.34
CA VAL B 370 16.87 7.66 -17.19
C VAL B 370 18.13 8.24 -16.55
N SER B 371 18.69 7.57 -15.55
CA SER B 371 19.82 8.15 -14.85
C SER B 371 21.03 8.25 -15.76
N LEU B 372 21.31 7.19 -16.51
CA LEU B 372 22.46 7.23 -17.42
C LEU B 372 22.22 8.20 -18.56
N SER B 373 21.02 8.20 -19.14
CA SER B 373 20.72 9.20 -20.15
C SER B 373 20.92 10.59 -19.61
N ASN B 374 20.49 10.84 -18.37
CA ASN B 374 20.60 12.17 -17.81
C ASN B 374 22.07 12.56 -17.65
N ILE B 375 22.91 11.63 -17.20
CA ILE B 375 24.34 11.95 -17.07
C ILE B 375 24.97 12.17 -18.43
N ILE B 376 24.70 11.28 -19.38
CA ILE B 376 25.31 11.39 -20.70
C ILE B 376 24.90 12.71 -21.35
N LEU B 377 23.60 12.98 -21.39
CA LEU B 377 23.13 14.23 -21.97
C LEU B 377 23.55 15.42 -21.13
N ASP B 378 23.70 15.26 -19.81
CA ASP B 378 24.26 16.33 -19.00
C ASP B 378 25.63 16.69 -19.53
N ILE B 379 26.51 15.71 -19.70
CA ILE B 379 27.82 16.04 -20.21
C ILE B 379 27.68 16.72 -21.57
N ILE B 380 27.06 16.02 -22.53
CA ILE B 380 27.02 16.47 -23.93
C ILE B 380 26.44 17.87 -24.05
N PHE B 381 25.22 18.07 -23.56
CA PHE B 381 24.52 19.33 -23.72
C PHE B 381 24.83 20.34 -22.62
N GLY B 382 25.05 19.91 -21.38
CA GLY B 382 25.38 20.83 -20.31
C GLY B 382 26.70 21.55 -20.53
N LEU B 383 27.76 20.81 -20.91
CA LEU B 383 29.03 21.50 -21.14
C LEU B 383 28.93 22.44 -22.33
N LYS B 384 28.22 22.05 -23.38
CA LYS B 384 28.11 22.91 -24.56
C LYS B 384 27.22 24.12 -24.30
N TYR B 385 26.06 23.93 -23.65
CA TYR B 385 25.03 24.97 -23.56
C TYR B 385 24.64 25.38 -22.13
N GLY B 386 25.38 24.95 -21.11
CA GLY B 386 25.18 25.44 -19.76
C GLY B 386 23.89 25.01 -19.08
N PRO B 387 23.38 25.86 -18.18
CA PRO B 387 22.14 25.51 -17.44
C PRO B 387 21.00 25.00 -18.32
N ILE B 388 20.69 25.71 -19.39
CA ILE B 388 19.62 25.27 -20.28
C ILE B 388 19.95 23.87 -20.80
N GLY B 389 21.23 23.62 -21.05
CA GLY B 389 21.63 22.30 -21.51
C GLY B 389 21.17 21.21 -20.56
N VAL B 390 21.44 21.37 -19.26
CA VAL B 390 21.11 20.29 -18.34
C VAL B 390 19.60 20.21 -18.13
N ALA B 391 18.88 21.33 -18.19
CA ALA B 391 17.42 21.23 -18.09
C ALA B 391 16.85 20.45 -19.26
N LEU B 392 17.16 20.90 -20.48
CA LEU B 392 16.81 20.16 -21.68
C LEU B 392 17.17 18.68 -21.54
N ALA B 393 18.39 18.39 -21.07
CA ALA B 393 18.84 17.02 -20.94
C ALA B 393 17.96 16.24 -19.97
N THR B 394 17.58 16.85 -18.86
CA THR B 394 16.70 16.22 -17.91
C THR B 394 15.40 15.81 -18.57
N SER B 395 14.78 16.74 -19.28
CA SER B 395 13.54 16.46 -19.99
C SER B 395 13.71 15.32 -20.99
N ILE B 396 14.76 15.40 -21.82
CA ILE B 396 14.97 14.37 -22.85
C ILE B 396 15.14 13.00 -22.20
N ALA B 397 15.97 12.92 -21.16
CA ALA B 397 16.15 11.67 -20.43
C ALA B 397 14.82 11.11 -19.97
N GLY B 398 13.98 11.96 -19.37
CA GLY B 398 12.62 11.54 -19.06
C GLY B 398 11.93 10.90 -20.26
N ILE B 399 12.08 11.52 -21.43
CA ILE B 399 11.46 10.99 -22.63
C ILE B 399 11.93 9.56 -22.90
N ILE B 400 13.24 9.36 -22.88
CA ILE B 400 13.82 8.05 -23.19
C ILE B 400 13.24 7.00 -22.23
N GLY B 401 13.25 7.32 -20.95
CA GLY B 401 12.62 6.44 -19.98
C GLY B 401 11.19 6.08 -20.37
N VAL B 402 10.39 7.09 -20.75
CA VAL B 402 9.01 6.85 -21.14
C VAL B 402 8.96 5.86 -22.28
N LEU B 403 9.82 6.05 -23.28
CA LEU B 403 9.82 5.16 -24.43
C LEU B 403 10.01 3.71 -23.98
N TYR B 404 11.05 3.48 -23.16
CA TYR B 404 11.30 2.12 -22.68
C TYR B 404 10.08 1.54 -21.98
N LEU B 405 9.50 2.31 -21.06
CA LEU B 405 8.38 1.79 -20.27
C LEU B 405 7.16 1.52 -21.14
N LEU B 406 6.89 2.39 -22.12
CA LEU B 406 5.76 2.19 -23.03
C LEU B 406 5.95 0.94 -23.87
N PHE B 407 7.18 0.68 -24.31
CA PHE B 407 7.45 -0.59 -24.97
C PHE B 407 7.12 -1.75 -24.04
N SER B 408 7.52 -1.66 -22.77
CA SER B 408 7.29 -2.76 -21.84
C SER B 408 5.81 -3.02 -21.63
N VAL B 409 5.06 -2.00 -21.20
CA VAL B 409 3.63 -2.19 -20.95
C VAL B 409 2.86 -2.38 -22.25
N LYS B 410 3.26 -1.67 -23.30
CA LYS B 410 2.64 -1.82 -24.61
C LYS B 410 1.14 -1.51 -24.54
N THR B 411 0.81 -0.39 -23.92
CA THR B 411 -0.57 0.07 -23.90
C THR B 411 -0.59 1.57 -23.62
N PHE B 412 -1.68 2.22 -24.01
CA PHE B 412 -1.78 3.67 -23.89
C PHE B 412 -3.19 4.13 -24.21
N PRO B 413 -3.76 5.09 -23.46
CA PRO B 413 -5.07 5.67 -23.83
C PRO B 413 -4.93 6.73 -24.93
N ILE B 414 -4.78 6.25 -26.17
CA ILE B 414 -4.43 7.16 -27.26
C ILE B 414 -5.57 8.13 -27.54
N LYS B 415 -6.80 7.63 -27.61
CA LYS B 415 -7.95 8.49 -27.88
C LYS B 415 -8.02 9.62 -26.85
N ASP B 416 -8.03 9.27 -25.58
CA ASP B 416 -8.08 10.28 -24.52
C ASP B 416 -6.88 11.22 -24.60
N PHE B 417 -5.71 10.70 -24.97
CA PHE B 417 -4.53 11.54 -25.11
C PHE B 417 -4.72 12.61 -26.18
N LEU B 418 -5.12 12.18 -27.38
CA LEU B 418 -5.38 13.11 -28.47
C LEU B 418 -6.41 14.16 -28.09
N LYS B 419 -7.50 13.73 -27.45
CA LYS B 419 -8.54 14.67 -27.05
C LYS B 419 -8.00 15.69 -26.04
N ILE B 420 -7.25 15.22 -25.06
CA ILE B 420 -6.68 16.12 -24.05
C ILE B 420 -5.76 17.13 -24.70
N SER B 421 -4.88 16.66 -25.60
CA SER B 421 -3.96 17.57 -26.29
C SER B 421 -4.72 18.62 -27.08
N LEU B 422 -5.75 18.20 -27.82
CA LEU B 422 -6.61 19.14 -28.53
C LEU B 422 -7.14 20.23 -27.59
N ASN B 423 -7.78 19.82 -26.50
CA ASN B 423 -8.29 20.79 -25.53
C ASN B 423 -7.19 21.73 -25.04
N SER B 424 -5.99 21.18 -24.81
CA SER B 424 -4.87 22.01 -24.37
C SER B 424 -4.54 23.06 -25.41
N LEU B 425 -4.62 22.70 -26.69
CA LEU B 425 -4.32 23.66 -27.75
C LEU B 425 -5.40 24.74 -27.82
N ILE B 426 -6.66 24.36 -27.60
CA ILE B 426 -7.73 25.36 -27.49
C ILE B 426 -7.40 26.36 -26.39
N MET B 427 -7.11 25.84 -25.19
CA MET B 427 -6.70 26.68 -24.08
C MET B 427 -5.55 27.61 -24.47
N LEU B 428 -4.57 27.07 -25.19
CA LEU B 428 -3.41 27.88 -25.56
C LEU B 428 -3.82 29.02 -26.48
N PHE B 429 -4.65 28.74 -27.48
CA PHE B 429 -5.09 29.79 -28.39
C PHE B 429 -5.80 30.90 -27.62
N VAL B 430 -6.77 30.53 -26.79
CA VAL B 430 -7.50 31.52 -26.01
C VAL B 430 -6.52 32.37 -25.19
N ILE B 431 -5.70 31.71 -24.38
CA ILE B 431 -4.76 32.45 -23.53
C ILE B 431 -3.88 33.36 -24.37
N TYR B 432 -3.45 32.88 -25.54
CA TYR B 432 -2.64 33.70 -26.43
C TYR B 432 -3.37 34.98 -26.81
N LEU B 433 -4.66 34.87 -27.11
CA LEU B 433 -5.44 36.06 -27.43
C LEU B 433 -5.52 36.98 -26.22
N THR B 434 -5.79 36.43 -25.04
CA THR B 434 -5.93 37.26 -23.86
C THR B 434 -4.60 37.89 -23.42
N ASP B 435 -3.48 37.48 -24.01
CA ASP B 435 -2.17 37.98 -23.62
C ASP B 435 -1.84 39.25 -24.42
N PHE B 436 -2.52 40.34 -24.04
CA PHE B 436 -2.34 41.62 -24.70
C PHE B 436 -2.00 42.75 -23.75
N THR B 437 -1.81 42.47 -22.45
CA THR B 437 -1.46 43.49 -21.47
C THR B 437 -0.15 43.13 -20.78
N ASP B 438 0.59 44.16 -20.38
CA ASP B 438 1.89 43.99 -19.75
C ASP B 438 1.84 44.14 -18.22
N ASN B 439 0.64 44.09 -17.64
CA ASN B 439 0.51 44.25 -16.20
C ASN B 439 1.18 43.10 -15.46
N GLU B 440 1.96 43.43 -14.43
CA GLU B 440 2.68 42.40 -13.68
C GLU B 440 1.76 41.30 -13.20
N PHE B 441 0.51 41.63 -12.85
CA PHE B 441 -0.43 40.68 -12.26
C PHE B 441 -1.30 39.98 -13.28
N TRP B 442 -1.14 40.28 -14.58
CA TRP B 442 -2.08 39.77 -15.58
C TRP B 442 -2.03 38.25 -15.70
N PHE B 443 -0.87 37.64 -15.44
CA PHE B 443 -0.73 36.22 -15.65
C PHE B 443 -1.59 35.40 -14.70
N LEU B 444 -1.96 35.94 -13.54
CA LEU B 444 -2.83 35.20 -12.62
C LEU B 444 -4.23 35.05 -13.19
N ILE B 445 -4.78 36.15 -13.71
CA ILE B 445 -6.06 36.08 -14.39
C ILE B 445 -5.93 35.22 -15.64
N GLN B 446 -4.78 35.28 -16.33
CA GLN B 446 -4.58 34.39 -17.46
C GLN B 446 -4.67 32.93 -17.02
N ILE B 447 -4.12 32.60 -15.85
CA ILE B 447 -4.23 31.24 -15.31
C ILE B 447 -5.69 30.86 -15.14
N LEU B 448 -6.43 31.67 -14.39
CA LEU B 448 -7.83 31.34 -14.12
C LEU B 448 -8.61 31.18 -15.42
N ILE B 449 -8.44 32.13 -16.34
CA ILE B 449 -9.06 32.03 -17.67
C ILE B 449 -8.74 30.68 -18.31
N GLY B 450 -7.45 30.35 -18.36
CA GLY B 450 -7.04 29.11 -19.02
C GLY B 450 -7.66 27.88 -18.41
N ILE B 451 -7.65 27.80 -17.08
CA ILE B 451 -8.28 26.68 -16.41
C ILE B 451 -9.74 26.60 -16.81
N LEU B 452 -10.43 27.74 -16.82
CA LEU B 452 -11.86 27.73 -17.14
C LEU B 452 -12.09 27.26 -18.57
N VAL B 453 -11.23 27.71 -19.49
CA VAL B 453 -11.39 27.32 -20.90
C VAL B 453 -11.17 25.83 -21.07
N TYR B 454 -10.07 25.32 -20.50
CA TYR B 454 -9.79 23.90 -20.58
C TYR B 454 -10.91 23.08 -19.96
N LEU B 455 -11.45 23.53 -18.83
CA LEU B 455 -12.52 22.79 -18.17
C LEU B 455 -13.78 22.81 -19.00
N ILE B 456 -14.15 23.97 -19.55
CA ILE B 456 -15.31 24.07 -20.41
C ILE B 456 -15.23 23.07 -21.55
N PHE B 457 -14.12 23.11 -22.30
CA PHE B 457 -14.02 22.25 -23.47
C PHE B 457 -13.90 20.78 -23.09
N SER B 458 -13.15 20.46 -22.04
CA SER B 458 -13.14 19.08 -21.55
C SER B 458 -14.55 18.62 -21.21
N SER B 459 -15.34 19.48 -20.55
CA SER B 459 -16.74 19.16 -20.29
C SER B 459 -17.48 18.82 -21.57
N ILE B 460 -17.28 19.65 -22.60
CA ILE B 460 -17.88 19.37 -23.91
C ILE B 460 -17.53 17.94 -24.35
N PHE B 461 -16.26 17.58 -24.25
CA PHE B 461 -15.81 16.30 -24.81
C PHE B 461 -16.20 15.10 -23.96
N TYR B 462 -16.37 15.28 -22.66
CA TYR B 462 -16.63 14.17 -21.75
C TYR B 462 -17.95 14.37 -21.04
N ARG B 463 -18.80 13.34 -21.07
CA ARG B 463 -20.11 13.42 -20.43
C ARG B 463 -19.96 13.65 -18.94
N ASP B 464 -19.13 12.84 -18.28
CA ASP B 464 -18.89 12.91 -16.84
C ASP B 464 -17.40 13.18 -16.63
N LEU B 465 -17.01 14.45 -16.83
CA LEU B 465 -15.61 14.83 -16.67
C LEU B 465 -15.10 14.49 -15.28
N ILE B 466 -15.82 14.93 -14.24
CA ILE B 466 -15.39 14.69 -12.87
C ILE B 466 -15.23 13.20 -12.62
N ARG B 467 -16.22 12.42 -13.05
CA ARG B 467 -16.12 10.96 -12.90
C ARG B 467 -14.96 10.42 -13.72
N ARG B 468 -14.78 10.93 -14.94
CA ARG B 468 -13.75 10.40 -15.83
C ARG B 468 -12.34 10.60 -15.27
N PHE B 469 -12.10 11.72 -14.59
CA PHE B 469 -10.74 12.09 -14.20
C PHE B 469 -10.56 12.36 -12.71
N LEU B 470 -11.48 13.08 -12.07
CA LEU B 470 -11.30 13.49 -10.68
C LEU B 470 -11.89 12.52 -9.66
N TYR B 471 -12.55 11.45 -10.10
CA TYR B 471 -13.22 10.55 -9.18
C TYR B 471 -12.24 9.60 -8.49
N ALA B 472 -12.61 9.17 -7.29
CA ALA B 472 -11.71 8.42 -6.40
C ALA B 472 -11.86 6.92 -6.65
N ARG B 473 -11.46 6.10 -5.66
CA ARG B 473 -11.25 4.67 -5.87
C ARG B 473 -12.54 3.86 -6.00
C10 OLC C . 1.11 -34.57 -16.80
C9 OLC C . 2.18 -34.26 -17.52
C11 OLC C . 0.87 -33.98 -15.40
C8 OLC C . 3.24 -33.30 -17.01
C24 OLC C . 14.81 -29.67 -21.75
C12 OLC C . -0.23 -34.78 -14.72
C7 OLC C . 4.50 -33.39 -17.88
C13 OLC C . -0.68 -34.10 -13.43
C6 OLC C . 5.10 -32.01 -18.10
C5 OLC C . 6.23 -32.09 -19.12
C4 OLC C . 7.58 -31.85 -18.44
C3 OLC C . 8.65 -31.64 -19.51
C2 OLC C . 9.84 -30.85 -18.94
C21 OLC C . 13.33 -31.09 -20.32
C1 OLC C . 11.15 -31.36 -19.51
C22 OLC C . 14.53 -30.14 -20.32
O19 OLC C . 11.32 -32.51 -19.70
O25 OLC C . 15.72 -28.61 -21.73
O23 OLC C . 14.25 -29.02 -19.53
O20 OLC C . 12.19 -30.46 -19.81
H10 OLC C . 0.49 -35.17 -17.15
H9 OLC C . 2.28 -34.64 -18.36
H11 OLC C . 1.69 -34.04 -14.88
H11A OLC C . 0.60 -33.05 -15.48
H8 OLC C . 2.90 -32.39 -17.04
H8A OLC C . 3.47 -33.52 -16.09
H24 OLC C . 13.98 -29.38 -22.16
H24A OLC C . 15.18 -30.41 -22.26
H12 OLC C . 0.10 -35.68 -14.51
H12A OLC C . -0.99 -34.86 -15.32
H7 OLC C . 5.15 -33.96 -17.44
H7A OLC C . 4.26 -33.78 -18.74
H13A OLC C . -1.63 -33.95 -13.46
H6 OLC C . 5.44 -31.67 -17.26
H6A OLC C . 4.41 -31.41 -18.43
H5 OLC C . 6.23 -32.97 -19.53
H5A OLC C . 6.10 -31.42 -19.80
H4 OLC C . 7.53 -31.07 -17.87
H4A OLC C . 7.82 -32.63 -17.91
H3 OLC C . 8.97 -32.49 -19.83
H3A OLC C . 8.26 -31.14 -20.25
H2 OLC C . 9.84 -30.94 -17.98
H2A OLC C . 9.73 -29.91 -19.17
H21 OLC C . 13.53 -31.87 -19.78
H21A OLC C . 13.15 -31.39 -21.23
H22 OLC C . 15.31 -30.60 -19.97
HO25 OLC C . 15.51 -28.05 -21.13
HO23 OLC C . 14.97 -28.76 -19.15
C10 OLC D . 3.02 -27.46 15.21
C9 OLC D . 2.85 -26.39 14.44
C11 OLC D . 3.37 -27.35 16.69
C8 OLC D . 3.01 -24.98 14.99
C24 OLC D . 1.79 -13.22 9.72
C12 OLC D . 4.62 -28.19 16.96
C7 OLC D . 3.04 -23.99 13.84
C15 OLC D . 5.22 -28.94 20.48
C13 OLC D . 5.23 -27.74 18.28
C6 OLC D . 3.05 -22.59 14.43
C14 OLC D . 4.36 -28.24 19.43
C5 OLC D . 2.95 -21.59 13.28
C4 OLC D . 3.24 -20.17 13.78
C3 OLC D . 3.48 -19.30 12.55
C2 OLC D . 3.59 -17.84 12.92
C21 OLC D . 2.71 -15.53 10.05
C1 OLC D . 2.82 -17.04 11.88
C22 OLC D . 3.03 -14.03 10.06
O19 OLC D . 1.63 -17.12 11.84
O25 OLC D . 1.93 -11.90 10.18
O23 OLC D . 3.46 -13.66 11.34
O20 OLC D . 3.51 -16.22 10.98
H10 OLC D . 2.92 -28.31 14.83
H9 OLC D . 2.64 -26.51 13.54
H11 OLC D . 2.63 -27.68 17.22
H11A OLC D . 3.55 -26.42 16.91
H8 OLC D . 2.26 -24.78 15.58
H8A OLC D . 3.83 -24.92 15.50
H24 OLC D . 1.01 -13.62 10.15
H24A OLC D . 1.66 -13.21 8.76
H12 OLC D . 5.26 -28.05 16.24
H12A OLC D . 4.38 -29.12 17.00
H7 OLC D . 3.84 -24.13 13.32
H7A OLC D . 2.25 -24.10 13.29
H15A OLC D . 4.80 -28.87 21.35
H13 OLC D . 5.27 -26.77 18.30
H13A OLC D . 6.12 -28.11 18.36
H6 OLC D . 3.87 -22.45 14.92
H6A OLC D . 2.29 -22.47 15.03
H14 OLC D . 3.70 -28.87 19.09
H14A OLC D . 3.89 -27.50 19.84
H5 OLC D . 3.59 -21.82 12.60
H5A OLC D . 2.05 -21.62 12.91
H4 OLC D . 2.47 -19.84 14.28
H4A OLC D . 4.02 -20.17 14.34
H3 OLC D . 4.30 -19.59 12.12
H3A OLC D . 2.73 -19.42 11.93
H2 OLC D . 4.52 -17.57 12.93
H2A OLC D . 3.21 -17.69 13.81
H21 OLC D . 2.89 -15.89 9.16
H21A OLC D . 1.78 -15.65 10.27
H22 OLC D . 3.74 -13.84 9.41
HO25 OLC D . 2.48 -11.88 10.83
HO23 OLC D . 3.72 -14.35 11.76
C24 OLC E . 17.42 -31.75 -17.78
C7 OLC E . 7.16 -38.29 -16.08
C6 OLC E . 8.28 -37.63 -15.26
C5 OLC E . 9.13 -36.76 -16.19
C4 OLC E . 10.41 -36.34 -15.46
C3 OLC E . 11.37 -35.70 -16.46
C2 OLC E . 12.52 -35.04 -15.70
C21 OLC E . 15.31 -33.01 -17.33
C1 OLC E . 13.48 -34.43 -16.71
C22 OLC E . 16.60 -32.47 -16.71
O19 OLC E . 13.38 -34.75 -17.84
O25 OLC E . 17.76 -30.47 -17.36
O23 OLC E . 16.29 -31.56 -15.69
O20 OLC E . 14.47 -33.51 -16.32
H24 OLC E . 16.91 -31.71 -18.60
H24A OLC E . 18.24 -32.27 -17.95
H7A OLC E . 7.54 -38.74 -16.84
H6 OLC E . 8.83 -38.31 -14.86
H6A OLC E . 7.89 -37.08 -14.56
H5 OLC E . 9.35 -37.26 -16.98
H5A OLC E . 8.63 -35.96 -16.43
H4 OLC E . 10.19 -35.71 -14.76
H4A OLC E . 10.82 -37.13 -15.07
H3 OLC E . 11.72 -36.37 -17.06
H3A OLC E . 10.90 -35.03 -16.97
H2 OLC E . 12.98 -35.70 -15.16
H2A OLC E . 12.16 -34.34 -15.12
H21 OLC E . 15.52 -33.72 -17.95
H21A OLC E . 14.86 -32.29 -17.80
H22 OLC E . 17.11 -33.21 -16.34
HO25 OLC E . 17.42 -30.32 -16.60
HO23 OLC E . 15.60 -31.81 -15.28
S SO4 F . 0.39 -10.51 -21.73
O1 SO4 F . 0.36 -10.87 -20.31
O2 SO4 F . 1.53 -11.19 -22.36
O3 SO4 F . -0.84 -10.95 -22.37
O4 SO4 F . 0.53 -9.06 -21.84
C10 OLC G . 17.49 33.84 15.25
C9 OLC G . 18.61 34.30 14.72
C11 OLC G . 16.29 33.45 14.38
C8 OLC G . 18.79 34.48 13.21
C24 OLC G . 30.57 39.70 10.14
C7 OLC G . 19.98 35.42 12.97
C6 OLC G . 20.54 35.25 11.55
C5 OLC G . 21.44 36.44 11.21
C4 OLC G . 22.91 36.05 11.31
C3 OLC G . 23.77 37.30 11.51
C2 OLC G . 25.00 37.21 10.63
C21 OLC G . 28.27 39.06 11.00
C1 OLC G . 26.05 38.23 11.04
C22 OLC G . 29.70 38.59 10.67
O19 OLC G . 25.77 39.13 11.75
O25 OLC G . 31.20 39.25 8.97
O23 OLC G . 30.31 38.10 11.82
O20 OLC G . 27.37 38.09 10.56
H10 OLC G . 17.43 33.74 16.17
H9 OLC G . 19.31 34.53 15.28
H11A OLC G . 16.60 33.09 13.53
H8 OLC G . 18.96 33.63 12.79
H8A OLC G . 17.99 34.88 12.83
H24 OLC G . 31.24 39.95 10.80
H24A OLC G . 30.02 40.48 9.93
H7 OLC G . 19.69 36.34 13.08
H7A OLC G . 20.67 35.23 13.61
H6 OLC G . 19.80 35.19 10.92
H6A OLC G . 21.05 34.43 11.51
H5 OLC G . 21.24 36.72 10.30
H5A OLC G . 21.25 37.16 11.82
H4 OLC G . 23.03 35.45 12.07
H4A OLC G . 23.19 35.60 10.50
H3 OLC G . 23.25 38.09 11.28
H3A OLC G . 24.04 37.36 12.45
H2 OLC G . 24.73 37.38 9.70
H2A OLC G . 25.37 36.32 10.68
H21 OLC G . 28.10 39.90 10.54
H21A OLC G . 28.19 39.19 11.96
H22 OLC G . 29.65 37.88 10.00
HO25 OLC G . 31.67 39.87 8.63
HO23 OLC G . 29.83 37.47 12.15
C9 OLC H . 18.50 37.30 16.37
C8 OLC H . 19.92 37.45 16.92
C24 OLC H . 31.18 43.08 13.04
C7 OLC H . 20.83 38.05 15.85
C6 OLC H . 22.23 38.23 16.41
C5 OLC H . 23.21 38.60 15.28
C4 OLC H . 24.63 38.53 15.79
C3 OLC H . 25.52 39.51 15.04
C2 OLC H . 26.91 39.52 15.69
C21 OLC H . 29.03 42.10 13.84
C1 OLC H . 27.67 40.80 15.33
C22 OLC H . 30.45 41.77 13.39
O19 OLC H . 27.66 41.71 16.08
O25 OLC H . 31.86 42.90 11.81
O23 OLC H . 31.11 41.11 14.43
O20 OLC H . 28.37 40.88 14.10
H8 OLC H . 19.91 38.04 17.69
H8A OLC H . 20.25 36.58 17.19
H24 OLC H . 31.81 43.28 13.73
H24A OLC H . 30.53 43.79 12.94
H7 OLC H . 20.47 38.90 15.57
H7A OLC H . 20.86 37.44 15.09
H6 OLC H . 22.23 38.94 17.07
H6A OLC H . 22.53 37.41 16.82
H5 OLC H . 23.09 37.98 14.54
H5A OLC H . 23.02 39.50 14.97
H4 OLC H . 24.65 38.73 16.74
H4A OLC H . 24.98 37.62 15.66
H3 OLC H . 25.61 39.24 14.12
H3A OLC H . 25.14 40.40 15.09
H2 OLC H . 27.42 38.75 15.40
H2A OLC H . 26.82 39.48 16.66
H21 OLC H . 28.56 42.57 13.15
H21A OLC H . 29.06 42.63 14.64
H22 OLC H . 30.41 41.20 12.60
HO25 OLC H . 32.25 43.62 11.61
HO23 OLC H . 30.57 40.59 14.82
C10 OLC I . 9.65 34.95 8.79
C9 OLC I . 10.43 35.90 9.29
C11 OLC I . 8.62 35.29 7.72
C8 OLC I . 10.30 37.35 8.79
C24 OLC I . 19.15 46.84 9.01
C7 OLC I . 11.17 38.26 9.67
C6 OLC I . 11.12 39.68 9.11
C5 OLC I . 12.20 40.51 9.78
C4 OLC I . 12.51 41.75 8.95
C3 OLC I . 13.77 42.43 9.50
C2 OLC I . 14.37 43.36 8.45
C21 OLC I . 17.88 44.73 8.62
C1 OLC I . 15.82 43.65 8.84
C22 OLC I . 18.58 45.91 7.93
O19 OLC I . 16.29 43.06 9.76
O25 OLC I . 20.37 47.39 8.60
O23 OLC I . 19.60 45.45 7.10
O20 OLC I . 16.58 44.58 8.14
H10 OLC I . 9.74 34.08 9.09
H9 OLC I . 11.06 35.68 9.93
H11A OLC I . 8.17 34.48 7.44
H8 OLC I . 10.60 37.40 7.87
H8A OLC I . 9.37 37.62 8.85
H24 OLC I . 19.30 46.33 9.82
H24A OLC I . 18.52 47.55 9.19
H7 OLC I . 10.83 38.25 10.57
H7A OLC I . 12.08 37.95 9.66
H6 OLC I . 10.25 40.07 9.29
H6A OLC I . 11.27 39.66 8.16
H5 OLC I . 11.90 40.79 10.66
H5A OLC I . 13.01 39.99 9.88
H4 OLC I . 11.77 42.37 8.98
H4A OLC I . 12.67 41.50 8.02
H3 OLC I . 14.41 41.74 9.73
H3A OLC I . 13.54 42.94 10.29
H2 OLC I . 13.88 44.19 8.42
H2A OLC I . 14.35 42.94 7.58
H21 OLC I . 17.85 44.89 9.57
H21A OLC I . 18.39 43.92 8.44
H22 OLC I . 17.93 46.40 7.41
HO25 OLC I . 20.68 46.95 7.94
HO23 OLC I . 19.29 44.89 6.55
C24 OLC J . 29.03 32.39 13.16
C6 OLC J . 21.82 29.94 19.94
C5 OLC J . 22.82 28.80 19.82
C4 OLC J . 23.35 28.74 18.38
C3 OLC J . 24.62 29.59 18.25
C2 OLC J . 25.37 29.16 16.99
C21 OLC J . 27.13 31.38 14.48
C1 OLC J . 25.88 30.36 16.18
C22 OLC J . 28.22 31.12 13.44
O19 OLC J . 25.49 31.44 16.46
O25 OLC J . 28.62 33.45 13.98
O23 OLC J . 29.08 30.11 13.88
O20 OLC J . 26.77 30.18 15.12
H24 OLC J . 28.92 32.65 12.23
H24A OLC J . 29.97 32.20 13.32
H6A OLC J . 21.04 29.76 19.41
H5 OLC J . 23.56 28.94 20.43
H5A OLC J . 22.37 27.96 20.03
H4 OLC J . 22.67 29.08 17.78
H4A OLC J . 23.55 27.82 18.15
H3 OLC J . 24.38 30.52 18.19
H3A OLC J . 25.18 29.45 19.03
H2 OLC J . 26.15 28.62 17.25
H2A OLC J . 24.79 28.63 16.44
H21 OLC J . 27.46 32.00 15.15
H21A OLC J . 26.35 31.75 14.06
H22 OLC J . 27.80 30.84 12.62
HO25 OLC J . 29.14 34.12 13.84
HO23 OLC J . 28.65 29.58 14.38
#